data_7BUQ
#
_entry.id   7BUQ
#
_cell.length_a   47.645
_cell.length_b   109.812
_cell.length_c   75.637
_cell.angle_alpha   90.000
_cell.angle_beta   94.130
_cell.angle_gamma   90.000
#
_symmetry.space_group_name_H-M   'P 1 21 1'
#
loop_
_entity.id
_entity.type
_entity.pdbx_description
1 polymer 'Cyclic GMP-AMP synthase'
2 non-polymer 'ZINC ION'
3 non-polymer cGAMP
4 water water
#
_entity_poly.entity_id   1
_entity_poly.type   'polypeptide(L)'
_entity_poly.pdbx_seq_one_letter_code
;MEDPRRRTTAPRAKKPSAKRAPTQPSRTRAHAESCGPQRGARSRRAERDGDTTEKPRAPGPRVHPARATELTKDAQPSAM
DAAGATARPAVRVPQQQAILDPELPAVREPQPPADPEARKVVRGPSHRRGARSTGQPRAPRGSRKEPDKLKKVLDKLRLK
RKDISEAAETVNKVVERLLRRMQKRESEFKGVEQLNTGSYYEHVKISAPNEFDVMFKLEVPRIELQEYYETGAFYLVKFK
RIPRGNPLSHFLEGEVLSATKMLSKFRKIIKEEVKEIKDIDVSVEKEKPGSPAVTLLIRNPEEISVDIILALESKGSWPI
STKEGLPIQGWLGTKVRTNLRREPFYLVPKNAKDGNSFQGETWRLSFSHTEKYILNNHGIEKTCCESSGAKCCRKECLKL
MKYLLEQLKKEFQELDAFCSYHVKTAIFHMWTQDPQDSQWDPRNLSSCFDKLLAFFLECLRTEKLDHYFIPKFNLFSQEL
IDRKSKEFLSKKIEYERNNGFPIFDKL
;
_entity_poly.pdbx_strand_id   A,B
#
# COMPACT_ATOMS: atom_id res chain seq x y z
N GLU A 146 0.03 -33.73 1.15
CA GLU A 146 -0.67 -33.23 2.32
C GLU A 146 -2.15 -33.00 2.03
N PRO A 147 -2.87 -32.41 2.99
CA PRO A 147 -4.31 -32.13 2.85
C PRO A 147 -4.56 -30.75 2.26
N ASP A 148 -3.86 -30.42 1.18
CA ASP A 148 -4.00 -29.13 0.51
C ASP A 148 -3.92 -27.96 1.47
N LYS A 149 -2.77 -27.79 2.11
CA LYS A 149 -2.56 -26.73 3.05
C LYS A 149 -1.53 -25.74 2.66
N LEU A 150 -1.24 -25.68 1.37
CA LEU A 150 -0.24 -24.74 0.86
C LEU A 150 -0.92 -23.39 0.61
N LYS A 151 -2.24 -23.43 0.42
CA LYS A 151 -3.02 -22.24 0.18
C LYS A 151 -3.41 -21.58 1.51
N LYS A 152 -3.39 -22.36 2.59
CA LYS A 152 -3.74 -21.84 3.86
C LYS A 152 -2.54 -21.22 4.53
N VAL A 153 -1.41 -21.47 3.93
CA VAL A 153 -0.16 -20.94 4.35
C VAL A 153 0.09 -19.70 3.62
N LEU A 154 -0.46 -19.51 2.44
CA LEU A 154 -0.26 -18.30 1.73
C LEU A 154 -1.24 -17.25 2.23
N ASP A 155 -2.35 -17.72 2.77
CA ASP A 155 -3.38 -16.87 3.32
C ASP A 155 -2.99 -16.44 4.66
N LYS A 156 -2.11 -17.14 5.31
CA LYS A 156 -1.72 -16.73 6.64
C LYS A 156 -0.54 -15.89 6.46
N LEU A 157 -0.02 -15.89 5.27
CA LEU A 157 1.13 -15.03 4.97
C LEU A 157 0.62 -13.62 4.67
N ARG A 158 -0.60 -13.34 5.15
CA ARG A 158 -1.20 -12.02 5.01
C ARG A 158 -0.78 -11.23 6.25
N LEU A 159 0.10 -11.85 7.04
CA LEU A 159 0.66 -11.28 8.25
C LEU A 159 1.21 -9.90 7.88
N LYS A 160 1.56 -9.71 6.62
CA LYS A 160 1.97 -8.48 6.01
C LYS A 160 1.07 -7.38 6.48
N ARG A 161 -0.20 -7.62 6.29
CA ARG A 161 -1.24 -6.72 6.68
C ARG A 161 -1.27 -6.55 8.19
N LYS A 162 -1.14 -7.62 8.96
CA LYS A 162 -1.23 -7.56 10.40
C LYS A 162 -0.24 -6.70 11.14
N ASP A 163 0.91 -6.48 10.54
CA ASP A 163 2.00 -5.76 11.16
C ASP A 163 2.90 -4.96 10.24
N ILE A 164 2.71 -5.02 8.93
CA ILE A 164 3.65 -4.31 8.10
C ILE A 164 3.00 -3.27 7.24
N SER A 165 1.71 -3.07 7.41
CA SER A 165 1.00 -2.09 6.66
C SER A 165 1.39 -0.71 7.13
N GLU A 166 1.17 -0.45 8.41
CA GLU A 166 1.50 0.77 9.08
C GLU A 166 2.95 1.07 9.02
N ALA A 167 3.78 0.07 9.21
CA ALA A 167 5.21 0.30 9.15
C ALA A 167 5.70 0.65 7.80
N ALA A 168 4.96 0.28 6.79
CA ALA A 168 5.37 0.56 5.45
C ALA A 168 5.06 1.96 5.05
N GLU A 169 4.06 2.53 5.65
CA GLU A 169 3.78 3.92 5.40
C GLU A 169 4.73 4.84 6.11
N THR A 170 5.21 4.41 7.25
CA THR A 170 6.13 5.10 8.07
C THR A 170 7.47 5.04 7.42
N VAL A 171 7.79 3.97 6.76
CA VAL A 171 9.05 3.91 6.07
C VAL A 171 8.95 4.74 4.85
N ASN A 172 7.83 4.75 4.20
CA ASN A 172 7.62 5.55 3.01
C ASN A 172 7.72 7.01 3.31
N LYS A 173 7.15 7.40 4.43
CA LYS A 173 7.08 8.78 4.85
C LYS A 173 8.30 9.29 5.46
N VAL A 174 9.24 8.45 5.78
CA VAL A 174 10.43 8.94 6.36
C VAL A 174 11.48 8.98 5.29
N VAL A 175 11.48 8.01 4.42
CA VAL A 175 12.46 8.01 3.38
C VAL A 175 12.21 9.19 2.51
N GLU A 176 10.97 9.45 2.23
CA GLU A 176 10.61 10.57 1.36
C GLU A 176 11.07 11.90 1.93
N ARG A 177 10.81 12.14 3.21
CA ARG A 177 11.29 13.37 3.84
C ARG A 177 12.81 13.36 3.96
N LEU A 178 13.41 12.18 4.06
CA LEU A 178 14.87 12.08 4.02
C LEU A 178 15.38 12.36 2.62
N LEU A 179 14.68 11.87 1.60
CA LEU A 179 15.10 12.11 0.23
C LEU A 179 14.97 13.56 -0.22
N ARG A 180 13.80 14.17 0.04
CA ARG A 180 13.57 15.55 -0.38
C ARG A 180 14.40 16.56 0.42
N ARG A 181 14.76 16.18 1.65
CA ARG A 181 15.65 17.02 2.45
C ARG A 181 17.08 16.78 2.02
N MET A 182 17.29 15.67 1.31
CA MET A 182 18.61 15.29 0.81
C MET A 182 18.83 15.86 -0.59
N GLN A 183 17.89 16.69 -1.04
CA GLN A 183 17.97 17.33 -2.34
C GLN A 183 18.44 18.78 -2.16
N LYS A 184 19.05 19.06 -1.02
CA LYS A 184 19.55 20.39 -0.71
C LYS A 184 20.89 20.62 -1.41
N ARG A 185 21.32 21.86 -1.44
CA ARG A 185 22.58 22.20 -2.12
C ARG A 185 23.80 21.81 -1.30
N GLU A 186 24.96 21.78 -1.95
CA GLU A 186 26.23 21.40 -1.32
C GLU A 186 26.16 20.03 -0.64
N SER A 187 25.87 19.03 -1.48
CA SER A 187 25.75 17.63 -1.14
C SER A 187 25.87 16.95 -2.50
N GLU A 188 26.88 16.10 -2.68
CA GLU A 188 27.09 15.50 -3.97
C GLU A 188 25.92 14.70 -4.47
N PHE A 189 25.00 14.34 -3.59
CA PHE A 189 23.82 13.63 -3.86
C PHE A 189 22.65 14.58 -3.97
N LYS A 190 22.87 15.75 -4.55
CA LYS A 190 21.75 16.63 -4.67
C LYS A 190 20.91 16.05 -5.69
N GLY A 191 21.53 15.44 -6.69
CA GLY A 191 20.79 14.86 -7.78
C GLY A 191 20.54 13.40 -7.66
N VAL A 192 20.24 12.98 -6.46
CA VAL A 192 19.98 11.61 -6.11
C VAL A 192 18.52 11.39 -6.15
N GLU A 193 18.11 10.20 -6.49
CA GLU A 193 16.72 9.87 -6.57
C GLU A 193 16.46 8.52 -5.98
N GLN A 194 15.25 8.04 -6.06
CA GLN A 194 14.91 6.75 -5.52
C GLN A 194 14.69 5.80 -6.64
N LEU A 195 15.36 4.67 -6.62
CA LEU A 195 15.19 3.68 -7.64
C LEU A 195 13.97 2.91 -7.27
N ASN A 196 12.97 2.94 -8.12
CA ASN A 196 11.74 2.26 -7.83
C ASN A 196 11.87 0.80 -8.04
N THR A 197 12.19 0.09 -6.98
CA THR A 197 12.33 -1.33 -7.03
C THR A 197 11.20 -2.00 -6.31
N GLY A 198 10.01 -1.57 -6.60
CA GLY A 198 8.83 -2.20 -6.05
C GLY A 198 8.12 -1.38 -5.01
N SER A 199 7.71 -2.01 -3.92
CA SER A 199 6.99 -1.31 -2.85
C SER A 199 7.43 -1.89 -1.52
N TYR A 200 6.83 -1.36 -0.45
CA TYR A 200 7.15 -1.72 0.92
C TYR A 200 6.64 -3.08 1.30
N TYR A 201 5.57 -3.48 0.66
CA TYR A 201 4.97 -4.75 0.88
C TYR A 201 5.97 -5.54 0.10
N GLU A 202 7.15 -5.73 0.71
CA GLU A 202 8.32 -6.43 0.13
C GLU A 202 8.19 -7.94 0.20
N HIS A 203 6.97 -8.38 0.44
CA HIS A 203 6.57 -9.78 0.53
C HIS A 203 6.64 -10.47 -0.83
N VAL A 204 6.63 -9.67 -1.89
CA VAL A 204 6.69 -10.19 -3.25
C VAL A 204 8.00 -10.95 -3.46
N LYS A 205 9.08 -10.38 -2.96
CA LYS A 205 10.40 -11.01 -3.08
C LYS A 205 10.56 -12.12 -2.05
N ILE A 206 11.17 -11.65 -0.92
CA ILE A 206 11.44 -12.36 0.28
C ILE A 206 10.44 -11.77 1.22
N SER A 207 9.34 -12.44 1.37
CA SER A 207 8.44 -11.97 2.43
C SER A 207 8.97 -12.15 3.85
N ALA A 208 9.75 -11.16 4.31
CA ALA A 208 10.31 -11.18 5.65
C ALA A 208 9.49 -10.25 6.54
N PRO A 209 8.97 -10.76 7.65
CA PRO A 209 8.15 -9.95 8.55
C PRO A 209 8.98 -9.18 9.57
N ASN A 210 10.12 -8.63 9.14
CA ASN A 210 10.99 -7.86 10.04
C ASN A 210 11.68 -6.52 9.69
N GLU A 211 12.55 -6.55 8.66
CA GLU A 211 13.42 -5.49 8.13
C GLU A 211 13.17 -5.22 6.63
N PHE A 212 13.77 -4.14 6.09
CA PHE A 212 13.46 -3.62 4.75
C PHE A 212 14.68 -3.13 3.98
N ASP A 213 14.41 -2.66 2.76
CA ASP A 213 15.40 -2.16 1.83
C ASP A 213 14.83 -1.17 0.83
N VAL A 214 15.63 -0.18 0.54
CA VAL A 214 15.39 0.93 -0.37
C VAL A 214 16.72 1.24 -1.07
N MET A 215 16.64 1.72 -2.31
CA MET A 215 17.82 2.01 -3.10
C MET A 215 17.78 3.45 -3.59
N PHE A 216 18.94 4.08 -3.60
CA PHE A 216 19.10 5.46 -4.06
C PHE A 216 19.95 5.45 -5.32
N LYS A 217 19.52 6.16 -6.34
CA LYS A 217 20.25 6.17 -7.57
C LYS A 217 20.80 7.52 -7.86
N LEU A 218 22.07 7.60 -8.19
CA LEU A 218 22.71 8.83 -8.52
C LEU A 218 23.26 8.59 -9.86
N GLU A 219 22.97 9.45 -10.81
CA GLU A 219 23.44 9.24 -12.15
C GLU A 219 24.79 9.78 -12.39
N VAL A 220 25.69 8.89 -12.81
CA VAL A 220 27.07 9.26 -13.09
C VAL A 220 27.31 9.39 -14.60
N PRO A 221 28.42 10.03 -14.98
CA PRO A 221 28.76 10.25 -16.39
C PRO A 221 29.85 9.32 -16.92
N ARG A 222 29.56 8.66 -18.04
CA ARG A 222 30.47 7.75 -18.74
C ARG A 222 31.53 6.84 -18.10
N ILE A 223 31.11 5.99 -17.17
CA ILE A 223 32.02 5.07 -16.51
C ILE A 223 32.70 4.04 -17.40
N GLU A 224 33.89 3.59 -17.01
CA GLU A 224 34.60 2.64 -17.79
C GLU A 224 34.62 1.52 -16.86
N LEU A 225 33.86 0.49 -17.10
CA LEU A 225 33.81 -0.61 -16.17
C LEU A 225 34.98 -1.56 -16.37
N GLN A 226 35.87 -1.53 -15.39
CA GLN A 226 37.00 -2.41 -15.36
C GLN A 226 36.47 -3.50 -14.46
N GLU A 227 36.41 -4.71 -15.00
CA GLU A 227 35.95 -5.86 -14.29
C GLU A 227 36.96 -6.14 -13.22
N TYR A 228 36.46 -6.50 -12.04
CA TYR A 228 37.33 -6.83 -10.94
C TYR A 228 37.83 -8.24 -11.20
N TYR A 229 38.97 -8.32 -11.89
CA TYR A 229 39.63 -9.58 -12.21
C TYR A 229 38.54 -10.35 -12.95
N GLU A 230 38.13 -11.49 -12.41
CA GLU A 230 37.12 -12.30 -13.08
C GLU A 230 35.88 -12.67 -12.26
N THR A 231 35.26 -11.68 -11.62
CA THR A 231 34.05 -11.94 -10.85
C THR A 231 32.80 -11.96 -11.72
N GLY A 232 32.66 -10.94 -12.56
CA GLY A 232 31.56 -10.81 -13.46
C GLY A 232 30.65 -9.77 -12.87
N ALA A 233 30.55 -9.79 -11.56
CA ALA A 233 29.76 -8.88 -10.81
C ALA A 233 30.52 -7.75 -10.18
N PHE A 234 31.81 -7.92 -9.91
CA PHE A 234 32.60 -6.87 -9.27
C PHE A 234 33.40 -6.04 -10.27
N TYR A 235 33.30 -4.71 -10.19
CA TYR A 235 34.01 -3.87 -11.10
C TYR A 235 34.73 -2.77 -10.39
N LEU A 236 35.41 -1.91 -11.15
CA LEU A 236 36.11 -0.74 -10.66
C LEU A 236 35.61 0.37 -11.52
N VAL A 237 35.14 1.39 -10.87
CA VAL A 237 34.57 2.47 -11.58
C VAL A 237 35.64 3.47 -11.84
N LYS A 238 36.11 3.44 -13.08
CA LYS A 238 37.13 4.31 -13.59
C LYS A 238 36.42 5.35 -14.40
N PHE A 239 36.90 6.56 -14.38
CA PHE A 239 36.28 7.64 -15.15
C PHE A 239 37.11 8.08 -16.34
N LYS A 240 36.46 8.25 -17.48
CA LYS A 240 37.13 8.67 -18.70
C LYS A 240 37.50 10.14 -18.81
N ARG A 241 36.50 10.99 -18.73
CA ARG A 241 36.69 12.39 -18.77
C ARG A 241 35.65 12.82 -17.79
N ILE A 242 36.04 13.61 -16.81
CA ILE A 242 35.06 14.04 -15.88
C ILE A 242 34.65 15.35 -16.43
N PRO A 243 33.38 15.53 -16.61
CA PRO A 243 32.93 16.79 -17.13
C PRO A 243 33.00 17.78 -16.03
N ARG A 244 33.40 19.01 -16.34
CA ARG A 244 33.50 20.06 -15.34
C ARG A 244 32.14 20.34 -14.71
N GLY A 245 32.11 20.40 -13.38
CA GLY A 245 30.88 20.66 -12.66
C GLY A 245 30.32 19.41 -12.01
N ASN A 246 31.11 18.35 -12.06
CA ASN A 246 30.71 17.06 -11.50
C ASN A 246 31.00 16.99 -10.01
N PRO A 247 30.05 16.44 -9.24
CA PRO A 247 30.21 16.30 -7.79
C PRO A 247 30.91 15.01 -7.39
N LEU A 248 31.43 14.26 -8.36
CA LEU A 248 32.10 13.04 -8.01
C LEU A 248 33.56 13.12 -8.17
N SER A 249 34.08 14.31 -8.33
CA SER A 249 35.48 14.50 -8.52
C SER A 249 36.23 14.20 -7.30
N HIS A 250 35.69 14.47 -6.14
CA HIS A 250 36.46 14.24 -4.96
C HIS A 250 36.30 12.94 -4.30
N PHE A 251 35.75 11.96 -5.02
CA PHE A 251 35.54 10.63 -4.45
C PHE A 251 36.45 9.64 -5.13
N LEU A 252 37.52 10.12 -5.76
CA LEU A 252 38.41 9.21 -6.42
C LEU A 252 39.68 9.06 -5.68
N GLU A 253 40.22 7.87 -5.75
CA GLU A 253 41.49 7.61 -5.17
C GLU A 253 42.32 7.21 -6.35
N GLY A 254 42.62 8.23 -7.12
CA GLY A 254 43.38 8.09 -8.32
C GLY A 254 42.41 7.95 -9.45
N GLU A 255 42.83 7.25 -10.45
CA GLU A 255 41.97 7.01 -11.57
C GLU A 255 40.69 6.32 -11.22
N VAL A 256 40.58 5.71 -10.05
CA VAL A 256 39.46 4.84 -9.72
C VAL A 256 38.56 5.53 -8.70
N LEU A 257 37.25 5.40 -8.90
CA LEU A 257 36.27 5.92 -7.95
C LEU A 257 36.28 5.09 -6.68
N SER A 258 36.15 5.78 -5.55
CA SER A 258 36.20 5.16 -4.23
C SER A 258 34.78 4.93 -3.72
N ALA A 259 34.43 3.67 -3.47
CA ALA A 259 33.18 3.36 -2.81
C ALA A 259 33.26 3.60 -1.32
N THR A 260 34.47 3.50 -0.76
CA THR A 260 34.65 3.75 0.66
C THR A 260 34.49 5.22 0.99
N LYS A 261 34.99 6.11 0.12
CA LYS A 261 34.83 7.53 0.33
C LYS A 261 33.41 8.02 0.08
N MET A 262 32.85 7.63 -1.04
CA MET A 262 31.53 8.04 -1.46
C MET A 262 30.52 7.61 -0.49
N LEU A 263 30.80 6.49 0.17
CA LEU A 263 29.88 5.94 1.17
C LEU A 263 30.12 6.54 2.55
N SER A 264 31.11 7.43 2.65
CA SER A 264 31.40 8.04 3.89
C SER A 264 30.59 9.30 4.02
N LYS A 265 30.55 10.13 2.99
CA LYS A 265 29.78 11.37 3.17
C LYS A 265 28.32 11.08 3.05
N PHE A 266 28.00 10.02 2.37
CA PHE A 266 26.64 9.64 2.23
C PHE A 266 26.16 9.33 3.61
N ARG A 267 26.87 8.49 4.35
CA ARG A 267 26.44 8.13 5.68
C ARG A 267 26.47 9.34 6.50
N LYS A 268 27.46 10.15 6.28
CA LYS A 268 27.59 11.39 7.02
C LYS A 268 26.41 12.28 6.76
N ILE A 269 26.11 12.62 5.53
CA ILE A 269 24.97 13.49 5.27
C ILE A 269 23.65 12.96 5.73
N ILE A 270 23.51 11.67 5.70
CA ILE A 270 22.28 11.10 6.12
C ILE A 270 22.16 11.19 7.61
N LYS A 271 23.28 11.35 8.30
CA LYS A 271 23.25 11.44 9.75
C LYS A 271 22.82 12.79 10.19
N GLU A 272 23.11 13.76 9.36
CA GLU A 272 22.78 15.11 9.63
C GLU A 272 21.33 15.24 9.43
N GLU A 273 20.91 15.11 8.19
CA GLU A 273 19.52 15.25 7.80
C GLU A 273 18.54 14.50 8.62
N VAL A 274 18.83 13.25 8.96
CA VAL A 274 17.93 12.46 9.78
C VAL A 274 17.50 13.03 11.12
N LYS A 275 18.26 13.90 11.76
CA LYS A 275 17.88 14.39 13.05
C LYS A 275 17.25 15.74 13.03
N GLU A 276 17.16 16.28 11.84
CA GLU A 276 16.46 17.51 11.68
C GLU A 276 14.99 17.19 11.36
N ILE A 277 14.71 15.93 11.06
CA ILE A 277 13.34 15.51 10.82
C ILE A 277 12.71 15.73 12.17
N LYS A 278 11.63 16.52 12.21
CA LYS A 278 10.92 16.95 13.43
C LYS A 278 10.36 15.99 14.48
N ASP A 279 9.03 15.85 14.50
CA ASP A 279 8.32 15.04 15.46
C ASP A 279 8.62 13.55 15.38
N ILE A 280 9.49 13.14 14.44
CA ILE A 280 9.73 11.70 14.40
C ILE A 280 11.09 11.24 14.93
N ASP A 281 11.10 10.19 15.76
CA ASP A 281 12.35 9.73 16.33
C ASP A 281 13.04 8.73 15.42
N VAL A 282 13.87 9.22 14.50
CA VAL A 282 14.57 8.36 13.57
C VAL A 282 16.08 8.59 13.60
N SER A 283 16.80 7.63 14.18
CA SER A 283 18.24 7.72 14.27
C SER A 283 18.89 6.69 13.33
N VAL A 284 20.21 6.71 13.27
CA VAL A 284 20.95 5.78 12.42
C VAL A 284 21.82 4.85 13.23
N GLU A 285 22.00 3.62 12.77
CA GLU A 285 22.79 2.67 13.49
C GLU A 285 24.24 2.82 13.28
N LYS A 286 25.01 2.04 13.98
CA LYS A 286 26.42 2.05 13.79
C LYS A 286 26.65 1.22 12.56
N GLU A 287 27.65 1.58 11.79
CA GLU A 287 27.86 0.87 10.57
C GLU A 287 28.46 -0.48 10.84
N LYS A 288 27.71 -1.52 10.57
CA LYS A 288 28.19 -2.86 10.71
C LYS A 288 29.12 -3.08 9.54
N PRO A 289 30.25 -3.76 9.80
CA PRO A 289 31.31 -4.06 8.83
C PRO A 289 30.79 -4.82 7.61
N GLY A 290 31.42 -4.48 6.48
CA GLY A 290 31.16 -5.05 5.18
C GLY A 290 29.91 -4.51 4.57
N SER A 291 28.86 -4.56 5.40
CA SER A 291 27.51 -4.09 5.11
C SER A 291 27.59 -2.72 4.44
N PRO A 292 27.18 -2.62 3.18
CA PRO A 292 27.37 -1.36 2.53
C PRO A 292 26.22 -0.43 2.62
N ALA A 293 25.34 -0.57 3.58
CA ALA A 293 24.22 0.32 3.59
C ALA A 293 24.31 1.26 4.71
N VAL A 294 23.25 2.03 4.87
CA VAL A 294 23.15 2.99 5.94
C VAL A 294 21.81 2.64 6.51
N THR A 295 21.80 1.72 7.49
CA THR A 295 20.53 1.33 8.06
C THR A 295 19.93 2.42 8.85
N LEU A 296 18.62 2.52 8.85
CA LEU A 296 17.97 3.55 9.59
C LEU A 296 17.11 2.96 10.65
N LEU A 297 17.14 3.53 11.85
CA LEU A 297 16.39 3.14 13.01
C LEU A 297 15.23 4.10 13.17
N ILE A 298 14.04 3.70 12.79
CA ILE A 298 12.89 4.60 12.85
C ILE A 298 11.96 4.44 14.04
N ARG A 299 12.45 4.81 15.22
CA ARG A 299 11.72 4.70 16.48
C ARG A 299 10.30 5.25 16.52
N ASN A 300 9.38 4.37 16.78
CA ASN A 300 7.99 4.72 16.85
C ASN A 300 7.40 3.69 17.79
N PRO A 301 6.90 2.62 17.20
CA PRO A 301 6.26 1.54 17.97
C PRO A 301 7.32 0.66 18.62
N GLU A 302 8.41 0.43 17.89
CA GLU A 302 9.52 -0.40 18.37
C GLU A 302 10.75 -0.13 17.51
N GLU A 303 11.12 -1.12 16.69
CA GLU A 303 12.28 -0.99 15.82
C GLU A 303 11.83 -1.03 14.35
N ILE A 304 12.48 -0.22 13.51
CA ILE A 304 12.11 -0.16 12.12
C ILE A 304 13.41 0.06 11.37
N SER A 305 13.90 -0.95 10.67
CA SER A 305 15.15 -0.84 9.98
C SER A 305 14.89 -0.74 8.51
N VAL A 306 15.73 0.02 7.83
CA VAL A 306 15.66 0.23 6.42
C VAL A 306 17.07 0.40 5.92
N ASP A 307 17.46 -0.39 4.96
CA ASP A 307 18.77 -0.29 4.43
C ASP A 307 18.73 0.63 3.27
N ILE A 308 19.32 1.80 3.46
CA ILE A 308 19.45 2.83 2.45
C ILE A 308 20.64 2.49 1.56
N ILE A 309 20.38 1.80 0.45
CA ILE A 309 21.46 1.29 -0.39
C ILE A 309 21.72 2.27 -1.53
N LEU A 310 22.85 2.97 -1.45
CA LEU A 310 23.31 3.84 -2.51
C LEU A 310 23.69 3.00 -3.73
N ALA A 311 23.40 3.50 -4.92
CA ALA A 311 23.71 2.79 -6.14
C ALA A 311 23.82 3.77 -7.30
N LEU A 312 24.94 3.71 -8.02
CA LEU A 312 25.17 4.56 -9.17
C LEU A 312 24.33 4.08 -10.35
N GLU A 313 23.79 5.03 -11.10
CA GLU A 313 23.01 4.74 -12.30
C GLU A 313 23.83 5.09 -13.52
N SER A 314 23.88 4.18 -14.46
CA SER A 314 24.56 4.40 -15.69
C SER A 314 23.63 4.03 -16.76
N LYS A 315 23.29 5.01 -17.55
CA LYS A 315 22.38 4.82 -18.61
C LYS A 315 23.07 4.32 -19.82
N GLY A 316 24.31 3.89 -19.68
CA GLY A 316 25.08 3.40 -20.80
C GLY A 316 24.82 1.99 -21.21
N SER A 317 25.86 1.27 -21.53
CA SER A 317 25.67 -0.07 -21.99
C SER A 317 25.98 -1.05 -20.94
N TRP A 318 25.34 -2.19 -21.00
CA TRP A 318 25.56 -3.24 -20.01
C TRP A 318 26.89 -3.95 -20.28
N PRO A 319 27.56 -4.43 -19.23
CA PRO A 319 28.88 -5.03 -19.41
C PRO A 319 28.83 -6.27 -20.30
N ILE A 320 30.02 -6.69 -20.73
CA ILE A 320 30.14 -7.89 -21.55
C ILE A 320 29.72 -9.13 -20.78
N SER A 321 29.97 -9.17 -19.47
CA SER A 321 29.63 -10.31 -18.65
C SER A 321 28.13 -10.59 -18.61
N THR A 322 27.29 -9.66 -19.03
CA THR A 322 25.87 -9.89 -19.01
C THR A 322 25.39 -9.88 -20.43
N LYS A 323 26.12 -10.49 -21.33
CA LYS A 323 25.78 -10.45 -22.72
C LYS A 323 24.95 -11.62 -23.11
N GLU A 324 25.05 -12.68 -22.34
CA GLU A 324 24.25 -13.87 -22.56
C GLU A 324 23.40 -14.15 -21.37
N GLY A 325 23.22 -13.16 -20.54
CA GLY A 325 22.37 -13.27 -19.40
C GLY A 325 20.98 -12.87 -19.77
N LEU A 326 20.08 -13.06 -18.82
CA LEU A 326 18.66 -12.77 -18.99
C LEU A 326 18.12 -13.54 -20.19
N PRO A 327 18.06 -14.90 -20.12
CA PRO A 327 17.61 -15.71 -21.26
C PRO A 327 16.10 -15.84 -21.36
N ILE A 328 15.42 -14.72 -21.59
CA ILE A 328 13.96 -14.69 -21.60
C ILE A 328 13.44 -14.78 -23.03
N GLN A 329 14.26 -15.32 -23.94
CA GLN A 329 13.91 -15.31 -25.36
C GLN A 329 12.71 -16.19 -25.67
N GLY A 330 12.54 -17.30 -24.98
CA GLY A 330 11.44 -18.20 -25.26
C GLY A 330 10.34 -18.13 -24.23
N TRP A 331 10.38 -17.12 -23.37
CA TRP A 331 9.43 -16.97 -22.29
C TRP A 331 8.83 -15.58 -22.31
N LEU A 332 9.65 -14.57 -22.03
CA LEU A 332 9.21 -13.18 -22.10
C LEU A 332 9.41 -12.55 -23.47
N GLY A 333 10.33 -13.08 -24.27
CA GLY A 333 10.46 -12.65 -25.64
C GLY A 333 11.76 -11.87 -25.87
N THR A 334 12.19 -11.87 -27.13
CA THR A 334 13.31 -11.05 -27.56
C THR A 334 12.92 -9.60 -27.75
N LYS A 335 11.62 -9.32 -27.86
CA LYS A 335 11.15 -7.95 -28.03
C LYS A 335 11.13 -7.18 -26.72
N VAL A 336 10.99 -7.86 -25.59
CA VAL A 336 11.08 -7.22 -24.28
C VAL A 336 12.48 -7.30 -23.70
N ARG A 337 13.30 -8.28 -24.09
CA ARG A 337 14.67 -8.32 -23.61
C ARG A 337 15.49 -7.18 -24.20
N THR A 338 15.12 -6.73 -25.40
CA THR A 338 15.80 -5.61 -26.02
C THR A 338 15.50 -4.31 -25.28
N ASN A 339 14.23 -4.11 -24.92
CA ASN A 339 13.86 -2.91 -24.18
C ASN A 339 14.42 -2.91 -22.76
N LEU A 340 14.38 -4.05 -22.07
CA LEU A 340 14.89 -4.14 -20.71
C LEU A 340 16.38 -3.88 -20.62
N ARG A 341 17.11 -4.00 -21.73
CA ARG A 341 18.55 -3.77 -21.74
C ARG A 341 18.95 -2.41 -22.29
N ARG A 342 18.03 -1.70 -22.93
CA ARG A 342 18.26 -0.31 -23.29
C ARG A 342 17.94 0.63 -22.13
N GLU A 343 17.64 0.09 -20.96
CA GLU A 343 17.42 0.63 -19.63
C GLU A 343 18.72 0.62 -18.84
N PRO A 344 18.89 1.52 -17.89
CA PRO A 344 20.19 1.63 -17.19
C PRO A 344 20.47 0.41 -16.34
N PHE A 345 21.75 0.24 -16.03
CA PHE A 345 22.22 -0.73 -15.05
C PHE A 345 22.82 0.03 -13.86
N TYR A 346 22.94 -0.67 -12.74
CA TYR A 346 23.33 -0.03 -11.49
C TYR A 346 24.50 -0.77 -10.86
N LEU A 347 25.21 -0.06 -9.99
CA LEU A 347 26.37 -0.58 -9.29
C LEU A 347 26.25 -0.26 -7.81
N VAL A 348 26.42 -1.26 -6.96
CA VAL A 348 26.30 -1.08 -5.52
C VAL A 348 27.67 -1.20 -4.87
N PRO A 349 27.95 -0.43 -3.83
CA PRO A 349 29.28 -0.48 -3.17
C PRO A 349 29.42 -1.65 -2.21
N LYS A 350 29.68 -2.83 -2.76
CA LYS A 350 29.89 -3.99 -1.94
C LYS A 350 31.20 -4.59 -2.26
N ASN A 351 32.07 -4.69 -1.29
CA ASN A 351 33.41 -5.22 -1.49
C ASN A 351 33.44 -6.68 -1.75
N ALA A 352 34.41 -7.08 -2.56
CA ALA A 352 34.64 -8.46 -2.84
C ALA A 352 35.45 -8.98 -1.67
N LYS A 353 35.54 -10.30 -1.55
CA LYS A 353 36.35 -10.86 -0.48
C LYS A 353 37.83 -11.24 -0.76
N ASP A 354 38.65 -10.41 -1.41
CA ASP A 354 40.05 -10.81 -1.60
C ASP A 354 41.09 -10.32 -0.65
N GLY A 355 41.76 -11.27 -0.04
CA GLY A 355 42.77 -10.95 0.92
C GLY A 355 43.89 -10.32 0.19
N ASN A 356 43.78 -10.23 -1.12
CA ASN A 356 44.87 -9.62 -1.87
C ASN A 356 44.37 -8.43 -2.68
N SER A 357 45.18 -8.00 -3.65
CA SER A 357 44.85 -6.87 -4.51
C SER A 357 44.41 -5.65 -3.70
N PHE A 358 43.30 -5.03 -4.13
CA PHE A 358 42.78 -3.88 -3.42
C PHE A 358 41.30 -3.60 -3.32
N GLN A 359 40.72 -4.36 -2.42
CA GLN A 359 39.31 -4.36 -2.17
C GLN A 359 38.81 -3.36 -1.18
N GLY A 360 38.98 -2.12 -1.49
CA GLY A 360 38.41 -1.12 -0.64
C GLY A 360 37.32 -0.45 -1.44
N GLU A 361 37.53 -0.35 -2.77
CA GLU A 361 36.66 0.30 -3.68
C GLU A 361 36.20 -0.58 -4.81
N THR A 362 35.46 -1.61 -4.49
CA THR A 362 34.89 -2.45 -5.51
C THR A 362 33.44 -2.21 -5.55
N TRP A 363 32.90 -2.15 -6.75
CA TRP A 363 31.51 -1.90 -6.99
C TRP A 363 30.85 -3.21 -7.50
N ARG A 364 29.57 -3.43 -7.28
CA ARG A 364 28.89 -4.65 -7.73
C ARG A 364 27.66 -4.44 -8.57
N LEU A 365 27.38 -5.30 -9.52
CA LEU A 365 26.24 -5.11 -10.40
C LEU A 365 24.94 -5.51 -9.70
N SER A 366 23.94 -4.65 -9.78
CA SER A 366 22.61 -4.95 -9.28
C SER A 366 21.59 -4.71 -10.39
N PHE A 367 20.66 -5.65 -10.51
CA PHE A 367 19.61 -5.59 -11.53
C PHE A 367 18.23 -5.59 -10.88
N SER A 368 18.14 -5.04 -9.67
CA SER A 368 16.87 -4.99 -8.94
C SER A 368 15.79 -4.23 -9.69
N HIS A 369 16.15 -3.29 -10.56
CA HIS A 369 15.16 -2.59 -11.35
C HIS A 369 14.56 -3.47 -12.43
N THR A 370 15.36 -4.36 -13.02
CA THR A 370 14.88 -5.30 -14.02
C THR A 370 14.28 -6.56 -13.40
N GLU A 371 14.83 -7.03 -12.28
CA GLU A 371 14.23 -8.13 -11.54
C GLU A 371 12.79 -7.83 -11.14
N LYS A 372 12.48 -6.58 -10.83
CA LYS A 372 11.13 -6.21 -10.44
C LYS A 372 10.16 -6.40 -11.60
N TYR A 373 10.53 -5.92 -12.79
CA TYR A 373 9.68 -6.06 -13.96
C TYR A 373 9.33 -7.52 -14.22
N ILE A 374 10.32 -8.40 -14.07
CA ILE A 374 10.09 -9.81 -14.33
C ILE A 374 9.11 -10.40 -13.33
N LEU A 375 9.16 -9.93 -12.09
CA LEU A 375 8.21 -10.41 -11.08
C LEU A 375 6.77 -10.07 -11.48
N ASN A 376 6.52 -8.79 -11.76
CA ASN A 376 5.18 -8.33 -12.12
C ASN A 376 4.78 -8.68 -13.54
N ASN A 377 5.76 -8.95 -14.42
CA ASN A 377 5.50 -9.39 -15.80
C ASN A 377 6.17 -10.76 -15.98
N HIS A 378 5.54 -11.78 -15.41
CA HIS A 378 6.14 -13.11 -15.30
C HIS A 378 5.55 -14.12 -16.27
N GLY A 379 4.61 -13.76 -17.10
CA GLY A 379 4.02 -14.73 -18.00
C GLY A 379 4.20 -14.62 -19.49
N ILE A 380 4.05 -15.74 -20.19
CA ILE A 380 4.20 -15.76 -21.64
C ILE A 380 3.02 -15.01 -22.25
N GLU A 381 1.92 -15.03 -21.51
CA GLU A 381 0.69 -14.34 -21.90
C GLU A 381 0.61 -13.02 -21.16
N LYS A 382 0.37 -11.93 -21.85
CA LYS A 382 0.32 -10.65 -21.23
C LYS A 382 -0.75 -10.48 -20.24
N THR A 383 -1.79 -11.27 -20.32
CA THR A 383 -2.89 -11.18 -19.36
C THR A 383 -2.73 -12.14 -18.19
N CYS A 384 -1.52 -12.59 -17.89
CA CYS A 384 -1.30 -13.49 -16.77
C CYS A 384 -1.49 -12.75 -15.45
N CYS A 385 -2.32 -13.31 -14.57
CA CYS A 385 -2.62 -12.72 -13.27
C CYS A 385 -3.17 -11.30 -13.40
N GLU A 386 -3.86 -11.03 -14.50
CA GLU A 386 -4.47 -9.72 -14.75
C GLU A 386 -5.97 -9.79 -14.54
N SER A 387 -6.63 -8.67 -14.84
CA SER A 387 -8.07 -8.56 -14.64
C SER A 387 -8.83 -9.44 -15.63
N SER A 388 -8.46 -9.36 -16.90
CA SER A 388 -9.12 -10.12 -17.97
C SER A 388 -8.30 -11.33 -18.39
N GLY A 389 -7.64 -11.98 -17.45
CA GLY A 389 -6.87 -13.17 -17.74
C GLY A 389 -6.94 -14.21 -16.64
N ALA A 390 -6.03 -15.17 -16.67
CA ALA A 390 -5.99 -16.25 -15.68
C ALA A 390 -4.86 -16.00 -14.69
N LYS A 391 -4.96 -16.66 -13.55
CA LYS A 391 -3.97 -16.59 -12.48
C LYS A 391 -2.93 -17.68 -12.66
N CYS A 392 -1.83 -17.54 -11.94
CA CYS A 392 -0.75 -18.52 -11.95
C CYS A 392 -0.10 -18.57 -10.58
N CYS A 393 0.52 -19.71 -10.28
CA CYS A 393 1.14 -19.95 -8.99
C CYS A 393 2.62 -19.57 -8.98
N ARG A 394 3.04 -18.70 -9.90
CA ARG A 394 4.44 -18.29 -9.96
C ARG A 394 4.84 -17.55 -8.68
N LYS A 395 4.29 -16.40 -8.44
CA LYS A 395 4.65 -15.69 -7.26
C LYS A 395 4.18 -16.43 -6.08
N GLU A 396 3.25 -17.36 -6.25
CA GLU A 396 2.73 -18.14 -5.14
C GLU A 396 3.84 -19.02 -4.61
N CYS A 397 4.50 -19.72 -5.52
CA CYS A 397 5.57 -20.58 -5.20
C CYS A 397 6.72 -19.81 -4.66
N LEU A 398 6.93 -18.63 -5.14
CA LEU A 398 8.06 -17.83 -4.67
C LEU A 398 7.93 -17.51 -3.19
N LYS A 399 6.77 -17.16 -2.71
CA LYS A 399 6.61 -16.84 -1.32
C LYS A 399 6.74 -18.05 -0.50
N LEU A 400 6.23 -19.17 -0.94
CA LEU A 400 6.40 -20.41 -0.19
C LEU A 400 7.87 -20.78 -0.09
N MET A 401 8.58 -20.74 -1.21
CA MET A 401 9.98 -21.14 -1.21
C MET A 401 10.83 -20.21 -0.34
N LYS A 402 10.49 -18.93 -0.31
CA LYS A 402 11.24 -17.99 0.50
C LYS A 402 10.94 -18.14 1.99
N TYR A 403 9.67 -18.32 2.37
CA TYR A 403 9.34 -18.57 3.76
C TYR A 403 9.85 -19.91 4.24
N LEU A 404 10.03 -20.88 3.35
CA LEU A 404 10.62 -22.15 3.74
C LEU A 404 12.09 -21.99 4.10
N LEU A 405 12.83 -21.21 3.31
CA LEU A 405 14.25 -21.03 3.58
C LEU A 405 14.40 -20.12 4.80
N GLU A 406 13.57 -19.13 4.99
CA GLU A 406 13.73 -18.31 6.18
C GLU A 406 13.50 -19.09 7.41
N GLN A 407 12.41 -19.84 7.48
CA GLN A 407 12.17 -20.59 8.66
C GLN A 407 13.24 -21.59 8.85
N LEU A 408 13.94 -21.95 7.82
CA LEU A 408 15.00 -22.91 7.99
C LEU A 408 16.23 -22.17 8.41
N LYS A 409 16.39 -20.97 7.93
CA LYS A 409 17.54 -20.18 8.26
C LYS A 409 17.42 -19.71 9.65
N LYS A 410 16.19 -19.40 10.06
CA LYS A 410 15.94 -18.89 11.41
C LYS A 410 15.95 -20.02 12.44
N GLU A 411 16.20 -21.24 11.97
CA GLU A 411 16.23 -22.39 12.86
C GLU A 411 17.66 -22.84 13.15
N PHE A 412 18.49 -22.90 12.10
CA PHE A 412 19.88 -23.30 12.26
C PHE A 412 20.78 -22.23 11.65
N GLN A 413 21.87 -21.86 12.33
CA GLN A 413 22.75 -20.87 11.80
C GLN A 413 23.57 -21.51 10.76
N GLU A 414 23.54 -22.81 10.69
CA GLU A 414 24.31 -23.48 9.66
C GLU A 414 23.95 -23.05 8.25
N LEU A 415 22.74 -22.55 8.03
CA LEU A 415 22.30 -22.11 6.70
C LEU A 415 22.53 -20.63 6.50
N ASP A 416 23.65 -20.15 6.97
CA ASP A 416 23.91 -18.74 6.90
C ASP A 416 24.52 -18.30 5.64
N ALA A 417 24.96 -19.25 4.85
CA ALA A 417 25.56 -18.94 3.56
C ALA A 417 24.53 -18.68 2.47
N PHE A 418 23.25 -18.99 2.72
CA PHE A 418 22.20 -18.85 1.73
C PHE A 418 21.40 -17.58 1.99
N CYS A 419 20.93 -16.97 0.91
CA CYS A 419 20.16 -15.74 1.02
C CYS A 419 18.90 -15.81 0.17
N SER A 420 18.08 -14.76 0.21
CA SER A 420 16.84 -14.74 -0.55
C SER A 420 17.06 -14.63 -2.05
N TYR A 421 18.27 -14.27 -2.48
CA TYR A 421 18.56 -14.16 -3.90
C TYR A 421 18.83 -15.52 -4.54
N HIS A 422 19.01 -16.58 -3.75
CA HIS A 422 19.19 -17.91 -4.29
C HIS A 422 17.88 -18.52 -4.76
N VAL A 423 16.78 -18.14 -4.12
CA VAL A 423 15.47 -18.68 -4.50
C VAL A 423 14.80 -17.80 -5.54
N LYS A 424 15.09 -16.51 -5.55
CA LYS A 424 14.62 -15.64 -6.63
C LYS A 424 15.32 -15.98 -7.94
N THR A 425 16.62 -16.30 -7.85
CA THR A 425 17.36 -16.67 -9.05
C THR A 425 16.98 -18.07 -9.52
N ALA A 426 16.81 -19.02 -8.60
CA ALA A 426 16.40 -20.36 -8.99
C ALA A 426 15.02 -20.38 -9.62
N ILE A 427 14.12 -19.48 -9.20
CA ILE A 427 12.80 -19.40 -9.81
C ILE A 427 12.83 -18.64 -11.13
N PHE A 428 13.85 -17.83 -11.38
CA PHE A 428 14.03 -17.22 -12.68
C PHE A 428 14.42 -18.25 -13.73
N HIS A 429 15.36 -19.14 -13.39
CA HIS A 429 15.70 -20.23 -14.30
C HIS A 429 14.51 -21.18 -14.45
N MET A 430 13.73 -21.35 -13.38
CA MET A 430 12.60 -22.27 -13.42
C MET A 430 11.47 -21.73 -14.29
N TRP A 431 11.21 -20.42 -14.23
CA TRP A 431 10.24 -19.81 -15.12
C TRP A 431 10.72 -19.78 -16.57
N THR A 432 12.03 -19.75 -16.79
CA THR A 432 12.57 -19.84 -18.14
C THR A 432 12.48 -21.26 -18.68
N GLN A 433 12.86 -22.25 -17.87
CA GLN A 433 12.71 -23.64 -18.27
C GLN A 433 11.25 -24.04 -18.50
N ASP A 434 10.35 -23.59 -17.63
CA ASP A 434 8.91 -23.82 -17.80
C ASP A 434 8.25 -22.48 -18.12
N PRO A 435 8.15 -22.11 -19.41
CA PRO A 435 7.57 -20.80 -19.75
C PRO A 435 6.04 -20.66 -19.79
N GLN A 436 5.35 -21.71 -20.19
CA GLN A 436 3.91 -21.71 -20.33
C GLN A 436 3.19 -21.41 -19.03
N ASP A 437 2.11 -20.65 -19.15
CA ASP A 437 1.29 -20.27 -18.01
C ASP A 437 0.59 -21.52 -17.50
N SER A 438 0.19 -22.39 -18.42
CA SER A 438 -0.47 -23.62 -18.03
C SER A 438 0.39 -24.49 -17.11
N GLN A 439 1.70 -24.42 -17.25
CA GLN A 439 2.62 -25.14 -16.37
C GLN A 439 2.68 -24.56 -14.97
N TRP A 440 2.03 -23.42 -14.74
CA TRP A 440 1.95 -22.81 -13.42
C TRP A 440 0.48 -22.49 -13.14
N ASP A 441 -0.32 -23.53 -12.94
CA ASP A 441 -1.77 -23.41 -12.73
C ASP A 441 -2.06 -23.40 -11.23
N PRO A 442 -2.91 -22.48 -10.75
CA PRO A 442 -3.20 -22.42 -9.30
C PRO A 442 -3.83 -23.70 -8.76
N ARG A 443 -4.39 -24.56 -9.60
CA ARG A 443 -4.92 -25.84 -9.17
C ARG A 443 -3.84 -26.91 -9.03
N ASN A 444 -2.62 -26.63 -9.50
CA ASN A 444 -1.51 -27.55 -9.37
C ASN A 444 -0.43 -26.97 -8.45
N LEU A 445 -0.85 -26.19 -7.45
CA LEU A 445 0.12 -25.53 -6.58
C LEU A 445 0.95 -26.55 -5.82
N SER A 446 0.37 -27.70 -5.47
CA SER A 446 1.10 -28.70 -4.72
C SER A 446 2.25 -29.29 -5.53
N SER A 447 2.05 -29.50 -6.83
CA SER A 447 3.09 -30.03 -7.69
C SER A 447 4.00 -28.97 -8.28
N CYS A 448 3.47 -27.79 -8.60
CA CYS A 448 4.32 -26.71 -9.12
C CYS A 448 5.32 -26.24 -8.07
N PHE A 449 4.97 -26.39 -6.79
CA PHE A 449 5.91 -26.04 -5.72
C PHE A 449 6.90 -27.18 -5.48
N ASP A 450 6.44 -28.43 -5.59
CA ASP A 450 7.35 -29.56 -5.47
C ASP A 450 8.38 -29.55 -6.59
N LYS A 451 7.95 -29.17 -7.77
CA LYS A 451 8.81 -29.12 -8.91
C LYS A 451 9.82 -28.03 -8.74
N LEU A 452 9.45 -26.97 -8.12
CA LEU A 452 10.40 -25.93 -7.75
C LEU A 452 11.38 -26.41 -6.69
N LEU A 453 10.89 -27.22 -5.74
CA LEU A 453 11.78 -27.80 -4.75
C LEU A 453 12.78 -28.76 -5.37
N ALA A 454 12.31 -29.64 -6.27
CA ALA A 454 13.22 -30.55 -6.95
C ALA A 454 14.23 -29.82 -7.82
N PHE A 455 13.88 -28.65 -8.35
CA PHE A 455 14.81 -27.88 -9.15
C PHE A 455 15.84 -27.19 -8.27
N PHE A 456 15.42 -26.67 -7.11
CA PHE A 456 16.36 -25.99 -6.22
C PHE A 456 17.37 -26.96 -5.63
N LEU A 457 16.93 -28.13 -5.20
CA LEU A 457 17.85 -29.17 -4.72
C LEU A 457 18.78 -29.67 -5.80
N GLU A 458 18.34 -29.61 -7.04
CA GLU A 458 19.20 -30.00 -8.13
C GLU A 458 20.34 -28.99 -8.09
N CYS A 459 20.02 -27.70 -8.01
CA CYS A 459 21.03 -26.66 -8.00
C CYS A 459 22.00 -26.79 -6.83
N LEU A 460 21.56 -27.41 -5.73
CA LEU A 460 22.43 -27.59 -4.58
C LEU A 460 23.38 -28.76 -4.80
N ARG A 461 22.84 -29.93 -5.16
CA ARG A 461 23.66 -31.12 -5.26
C ARG A 461 24.56 -31.11 -6.49
N THR A 462 24.22 -30.28 -7.48
CA THR A 462 25.02 -30.18 -8.70
C THR A 462 25.93 -28.95 -8.68
N GLU A 463 25.80 -28.14 -7.64
CA GLU A 463 26.55 -26.94 -7.46
C GLU A 463 26.52 -26.08 -8.66
N LYS A 464 25.33 -25.74 -9.08
CA LYS A 464 25.20 -24.89 -10.21
C LYS A 464 23.95 -24.04 -10.15
N LEU A 465 24.12 -22.74 -10.01
CA LEU A 465 23.07 -21.73 -9.95
C LEU A 465 23.67 -20.43 -10.42
N ASP A 466 23.74 -20.25 -11.72
CA ASP A 466 24.31 -19.07 -12.35
C ASP A 466 23.46 -17.84 -12.04
N HIS A 467 24.13 -16.71 -11.88
CA HIS A 467 23.44 -15.42 -11.79
C HIS A 467 22.61 -15.20 -13.05
N TYR A 468 21.35 -14.81 -12.87
CA TYR A 468 20.43 -14.79 -14.00
C TYR A 468 20.82 -13.77 -15.05
N PHE A 469 21.50 -12.70 -14.65
CA PHE A 469 21.98 -11.69 -15.57
C PHE A 469 23.46 -11.85 -15.90
N ILE A 470 24.14 -12.77 -15.25
CA ILE A 470 25.54 -12.98 -15.52
C ILE A 470 25.82 -14.44 -15.53
N PRO A 471 25.90 -15.04 -16.72
CA PRO A 471 26.19 -16.47 -16.88
C PRO A 471 27.50 -16.93 -16.24
N LYS A 472 28.51 -16.07 -16.20
CA LYS A 472 29.78 -16.44 -15.62
C LYS A 472 29.81 -16.72 -14.17
N PHE A 473 29.09 -15.85 -13.45
CA PHE A 473 28.99 -15.89 -11.99
C PHE A 473 28.10 -17.01 -11.52
N ASN A 474 28.73 -18.00 -10.91
CA ASN A 474 28.02 -19.16 -10.38
C ASN A 474 27.83 -18.96 -8.89
N LEU A 475 26.58 -18.77 -8.47
CA LEU A 475 26.30 -18.47 -7.07
C LEU A 475 26.49 -19.67 -6.15
N PHE A 476 26.30 -20.88 -6.66
CA PHE A 476 26.45 -22.09 -5.86
C PHE A 476 27.79 -22.78 -6.14
N SER A 477 28.83 -21.98 -6.36
CA SER A 477 30.15 -22.53 -6.63
C SER A 477 30.77 -23.07 -5.35
N GLN A 478 31.86 -23.82 -5.53
CA GLN A 478 32.57 -24.38 -4.38
C GLN A 478 33.25 -23.31 -3.55
N GLU A 479 33.68 -22.22 -4.19
CA GLU A 479 34.37 -21.16 -3.48
C GLU A 479 33.42 -20.24 -2.71
N LEU A 480 32.12 -20.31 -2.99
CA LEU A 480 31.16 -19.46 -2.30
C LEU A 480 30.48 -20.20 -1.16
N ILE A 481 30.07 -21.43 -1.42
CA ILE A 481 29.39 -22.27 -0.43
C ILE A 481 30.01 -23.65 -0.46
N ASP A 482 30.37 -24.15 0.72
CA ASP A 482 31.00 -25.46 0.83
C ASP A 482 30.04 -26.59 0.90
N ARG A 483 30.43 -27.72 0.35
CA ARG A 483 29.64 -28.91 0.28
C ARG A 483 28.96 -29.28 1.56
N LYS A 484 29.54 -28.93 2.67
CA LYS A 484 28.94 -29.30 3.94
C LYS A 484 27.59 -28.63 4.14
N SER A 485 27.50 -27.34 3.83
CA SER A 485 26.26 -26.60 3.94
C SER A 485 25.26 -26.94 2.84
N LYS A 486 25.74 -27.45 1.70
CA LYS A 486 24.82 -27.80 0.62
C LYS A 486 24.17 -29.16 0.86
N GLU A 487 24.88 -30.07 1.52
CA GLU A 487 24.26 -31.33 1.93
C GLU A 487 23.30 -31.11 3.09
N PHE A 488 23.64 -30.20 4.00
CA PHE A 488 22.77 -29.93 5.14
C PHE A 488 21.40 -29.42 4.68
N LEU A 489 21.37 -28.38 3.85
CA LEU A 489 20.12 -27.90 3.30
C LEU A 489 19.42 -28.92 2.42
N SER A 490 20.15 -29.87 1.85
CA SER A 490 19.53 -30.89 1.01
C SER A 490 18.72 -31.87 1.86
N LYS A 491 19.24 -32.23 3.03
CA LYS A 491 18.49 -33.13 3.92
C LYS A 491 17.31 -32.41 4.56
N LYS A 492 17.51 -31.16 4.97
CA LYS A 492 16.44 -30.41 5.61
C LYS A 492 15.27 -30.17 4.66
N ILE A 493 15.56 -29.76 3.43
CA ILE A 493 14.48 -29.54 2.47
C ILE A 493 13.81 -30.85 2.09
N GLU A 494 14.60 -31.90 1.85
CA GLU A 494 14.04 -33.22 1.58
C GLU A 494 13.25 -33.75 2.76
N TYR A 495 13.67 -33.46 3.99
CA TYR A 495 12.89 -33.81 5.17
C TYR A 495 11.51 -33.18 5.17
N GLU A 496 11.40 -31.88 4.93
CA GLU A 496 10.13 -31.18 4.87
C GLU A 496 9.25 -31.63 3.72
N ARG A 497 9.85 -31.93 2.57
CA ARG A 497 9.12 -32.29 1.36
C ARG A 497 8.40 -33.63 1.49
N ASN A 498 8.95 -34.59 2.23
CA ASN A 498 8.32 -35.88 2.40
C ASN A 498 7.31 -35.92 3.53
N ASN A 499 7.47 -35.06 4.54
CA ASN A 499 6.61 -35.09 5.73
C ASN A 499 5.51 -34.04 5.69
N GLY A 500 5.25 -33.50 4.50
CA GLY A 500 4.21 -32.49 4.33
C GLY A 500 4.55 -31.12 4.89
N PHE A 501 5.83 -30.78 4.88
CA PHE A 501 6.31 -29.49 5.37
C PHE A 501 5.82 -29.12 6.78
N PRO A 502 6.25 -29.83 7.80
CA PRO A 502 5.89 -29.62 9.18
C PRO A 502 6.44 -28.39 9.75
N ILE A 503 7.19 -27.66 8.96
CA ILE A 503 7.75 -26.42 9.45
C ILE A 503 6.85 -25.26 9.17
N PHE A 504 5.73 -25.56 8.51
CA PHE A 504 4.75 -24.54 8.19
C PHE A 504 3.65 -24.61 9.24
N ASP A 505 3.77 -25.56 10.17
CA ASP A 505 2.78 -25.68 11.16
C ASP A 505 2.95 -24.54 12.10
N LYS A 506 2.11 -23.53 11.93
CA LYS A 506 2.06 -22.32 12.74
C LYS A 506 0.62 -21.93 12.49
N LEU A 507 -0.20 -22.95 12.58
CA LEU A 507 -1.62 -22.96 12.29
C LEU A 507 -1.93 -22.34 10.95
N PRO B 147 -23.15 -21.77 -7.02
CA PRO B 147 -23.37 -20.55 -6.22
C PRO B 147 -22.08 -20.06 -5.57
N ASP B 148 -20.99 -20.78 -5.81
CA ASP B 148 -19.72 -20.42 -5.25
C ASP B 148 -18.97 -19.82 -6.42
N LYS B 149 -19.52 -18.72 -6.90
CA LYS B 149 -19.07 -17.99 -8.02
C LYS B 149 -18.86 -16.61 -7.51
N LEU B 150 -19.50 -16.30 -6.41
CA LEU B 150 -19.29 -15.04 -5.72
C LEU B 150 -17.91 -14.98 -5.19
N LYS B 151 -17.38 -16.13 -4.86
CA LYS B 151 -16.02 -16.22 -4.37
C LYS B 151 -15.09 -15.94 -5.48
N LYS B 152 -15.52 -16.18 -6.69
CA LYS B 152 -14.73 -15.90 -7.81
C LYS B 152 -14.96 -14.49 -8.25
N VAL B 153 -15.95 -13.80 -7.74
CA VAL B 153 -16.12 -12.39 -8.06
C VAL B 153 -15.24 -11.65 -7.12
N LEU B 154 -15.15 -12.11 -5.90
CA LEU B 154 -14.37 -11.49 -4.90
C LEU B 154 -12.91 -11.59 -5.20
N ASP B 155 -12.49 -12.70 -5.74
CA ASP B 155 -11.11 -12.89 -6.05
C ASP B 155 -10.80 -12.03 -7.21
N LYS B 156 -11.68 -11.92 -8.15
CA LYS B 156 -11.42 -11.05 -9.28
C LYS B 156 -11.57 -9.58 -8.93
N LEU B 157 -12.11 -9.29 -7.77
CA LEU B 157 -12.30 -7.92 -7.40
C LEU B 157 -11.04 -7.28 -7.04
N ARG B 158 -10.19 -7.97 -6.30
CA ARG B 158 -8.89 -7.44 -5.90
C ARG B 158 -8.11 -6.92 -7.06
N LEU B 159 -7.62 -5.70 -6.98
CA LEU B 159 -6.82 -5.22 -8.08
C LEU B 159 -5.59 -4.68 -7.45
N LYS B 160 -5.08 -5.50 -6.55
CA LYS B 160 -3.91 -5.27 -5.79
C LYS B 160 -3.14 -3.95 -5.82
N ARG B 161 -2.08 -3.97 -6.61
CA ARG B 161 -1.18 -2.88 -6.80
C ARG B 161 -1.82 -1.77 -7.61
N LYS B 162 -2.52 -2.13 -8.69
CA LYS B 162 -3.23 -1.19 -9.57
C LYS B 162 -4.32 -0.58 -8.77
N ASP B 163 -4.19 0.73 -8.52
CA ASP B 163 -5.11 1.55 -7.72
C ASP B 163 -5.05 1.36 -6.20
N ILE B 164 -4.40 0.31 -5.68
CA ILE B 164 -4.19 0.16 -4.20
C ILE B 164 -2.80 -0.05 -3.59
N SER B 165 -1.95 -0.89 -4.11
CA SER B 165 -0.63 -1.06 -3.49
C SER B 165 0.52 -0.11 -3.80
N GLU B 166 0.88 0.02 -5.08
CA GLU B 166 2.02 0.82 -5.47
C GLU B 166 1.41 2.05 -6.03
N ALA B 167 0.11 1.94 -6.17
CA ALA B 167 -0.70 2.98 -6.72
C ALA B 167 -1.46 3.65 -5.65
N ALA B 168 -1.01 3.50 -4.42
CA ALA B 168 -1.68 4.05 -3.26
C ALA B 168 -0.73 4.49 -2.22
N GLU B 169 0.51 4.10 -2.37
CA GLU B 169 1.53 4.54 -1.47
C GLU B 169 2.40 5.55 -2.23
N THR B 170 1.81 6.20 -3.23
CA THR B 170 2.35 7.23 -4.09
C THR B 170 1.41 8.37 -3.84
N VAL B 171 0.14 8.03 -3.76
CA VAL B 171 -0.93 8.94 -3.43
C VAL B 171 -0.78 9.44 -2.04
N ASN B 172 -0.05 8.71 -1.24
CA ASN B 172 0.20 9.05 0.15
C ASN B 172 1.27 10.05 0.19
N LYS B 173 2.16 9.88 -0.75
CA LYS B 173 3.43 10.61 -0.82
C LYS B 173 3.12 11.99 -1.26
N VAL B 174 2.13 12.12 -2.09
CA VAL B 174 1.75 13.41 -2.55
C VAL B 174 1.05 14.08 -1.42
N VAL B 175 0.21 13.34 -0.75
CA VAL B 175 -0.56 13.89 0.33
C VAL B 175 0.26 14.49 1.44
N GLU B 176 1.27 13.79 1.91
CA GLU B 176 2.02 14.36 3.01
C GLU B 176 2.89 15.46 2.58
N ARG B 177 3.02 15.66 1.31
CA ARG B 177 3.84 16.73 0.85
C ARG B 177 2.98 17.90 1.07
N LEU B 178 1.78 17.81 0.56
CA LEU B 178 0.80 18.86 0.70
C LEU B 178 0.47 19.24 2.10
N LEU B 179 0.47 18.31 3.00
CA LEU B 179 0.15 18.63 4.36
C LEU B 179 1.28 19.33 5.05
N ARG B 180 2.49 18.94 4.72
CA ARG B 180 3.61 19.51 5.40
C ARG B 180 3.69 20.91 4.99
N ARG B 181 3.74 21.08 3.68
CA ARG B 181 3.86 22.39 3.06
C ARG B 181 2.66 23.22 3.29
N MET B 182 1.57 22.58 3.70
CA MET B 182 0.33 23.28 3.96
C MET B 182 0.27 23.77 5.37
N GLN B 183 1.17 23.30 6.19
CA GLN B 183 1.30 23.79 7.54
C GLN B 183 2.42 24.84 7.48
N LYS B 184 2.44 25.56 6.36
CA LYS B 184 3.44 26.59 6.14
C LYS B 184 2.92 27.99 6.40
N ARG B 185 3.86 28.92 6.46
CA ARG B 185 3.61 30.34 6.70
C ARG B 185 2.70 30.66 7.89
N GLU B 186 1.83 31.65 7.71
CA GLU B 186 0.90 32.07 8.75
C GLU B 186 -0.49 31.99 8.15
N SER B 187 -0.94 30.76 7.88
CA SER B 187 -2.26 30.54 7.29
C SER B 187 -3.17 29.96 8.39
N GLU B 188 -4.45 30.30 8.36
CA GLU B 188 -5.43 29.86 9.33
C GLU B 188 -5.41 28.41 9.56
N PHE B 189 -4.85 27.71 8.59
CA PHE B 189 -4.81 26.24 8.67
C PHE B 189 -3.44 25.73 9.11
N LYS B 190 -2.67 26.48 9.86
CA LYS B 190 -1.34 25.98 10.21
C LYS B 190 -1.38 24.79 11.13
N GLY B 191 -2.53 24.51 11.68
CA GLY B 191 -2.60 23.41 12.61
C GLY B 191 -3.34 22.25 12.05
N VAL B 192 -3.44 22.24 10.75
CA VAL B 192 -4.15 21.23 9.98
C VAL B 192 -3.40 19.91 10.12
N GLU B 193 -4.16 18.82 10.17
CA GLU B 193 -3.60 17.49 10.40
C GLU B 193 -4.45 16.45 9.69
N GLN B 194 -3.82 15.32 9.38
CA GLN B 194 -4.49 14.23 8.71
C GLN B 194 -5.13 13.30 9.72
N LEU B 195 -6.45 13.15 9.65
CA LEU B 195 -7.18 12.29 10.57
C LEU B 195 -6.71 10.85 10.42
N ASN B 196 -6.60 10.14 11.54
CA ASN B 196 -6.16 8.75 11.52
C ASN B 196 -7.35 8.08 10.83
N THR B 197 -7.13 7.60 9.61
CA THR B 197 -8.17 6.93 8.84
C THR B 197 -7.56 5.86 7.94
N GLY B 198 -8.42 5.07 7.30
CA GLY B 198 -7.94 4.01 6.42
C GLY B 198 -8.44 4.06 4.99
N SER B 199 -7.55 4.42 4.07
CA SER B 199 -7.86 4.47 2.64
C SER B 199 -6.64 3.83 2.01
N TYR B 200 -5.50 4.48 2.20
CA TYR B 200 -4.22 4.02 1.66
C TYR B 200 -3.85 2.58 2.02
N TYR B 201 -4.22 2.15 3.21
CA TYR B 201 -3.84 0.80 3.62
C TYR B 201 -4.78 -0.32 3.11
N GLU B 202 -4.81 -0.50 1.80
CA GLU B 202 -5.65 -1.47 1.15
C GLU B 202 -7.08 -1.39 1.62
N HIS B 203 -7.60 -0.22 1.89
CA HIS B 203 -8.99 -0.15 2.33
C HIS B 203 -9.83 0.67 1.34
N VAL B 204 -9.23 1.54 0.53
CA VAL B 204 -10.04 2.23 -0.49
C VAL B 204 -10.49 1.23 -1.56
N LYS B 205 -9.77 0.12 -1.62
CA LYS B 205 -9.95 -0.98 -2.56
C LYS B 205 -11.10 -1.97 -2.31
N ILE B 206 -11.87 -1.79 -1.26
CA ILE B 206 -12.94 -2.76 -0.97
C ILE B 206 -14.26 -2.49 -1.68
N SER B 207 -14.69 -1.24 -1.62
CA SER B 207 -15.88 -0.77 -2.18
C SER B 207 -15.55 0.54 -2.79
N ALA B 208 -16.06 0.72 -3.99
CA ALA B 208 -15.87 1.91 -4.80
C ALA B 208 -14.38 2.15 -5.00
N PRO B 209 -13.74 1.32 -5.84
CA PRO B 209 -12.31 1.43 -6.13
C PRO B 209 -11.93 2.68 -6.93
N ASN B 210 -12.87 3.23 -7.70
CA ASN B 210 -12.59 4.42 -8.51
C ASN B 210 -12.72 5.72 -7.72
N GLU B 211 -12.06 5.80 -6.57
CA GLU B 211 -12.09 7.01 -5.73
C GLU B 211 -11.03 6.95 -4.63
N PHE B 212 -10.55 8.11 -4.19
CA PHE B 212 -9.53 8.13 -3.13
C PHE B 212 -10.02 9.18 -2.14
N ASP B 213 -9.76 9.02 -0.83
CA ASP B 213 -10.30 9.98 0.15
C ASP B 213 -9.41 10.21 1.35
N VAL B 214 -9.24 11.48 1.77
CA VAL B 214 -8.47 11.89 2.96
C VAL B 214 -9.13 13.04 3.68
N MET B 215 -8.93 13.11 4.99
CA MET B 215 -9.50 14.21 5.77
C MET B 215 -8.39 15.02 6.41
N PHE B 216 -8.52 16.35 6.32
CA PHE B 216 -7.60 17.28 6.95
C PHE B 216 -8.31 17.90 8.15
N LYS B 217 -8.07 17.34 9.34
CA LYS B 217 -8.72 17.85 10.53
C LYS B 217 -8.03 19.12 11.02
N LEU B 218 -8.78 19.92 11.78
CA LEU B 218 -8.29 21.18 12.31
C LEU B 218 -9.07 21.48 13.58
N GLU B 219 -8.41 21.32 14.74
CA GLU B 219 -9.08 21.44 16.02
C GLU B 219 -9.57 22.87 16.23
N VAL B 220 -10.73 23.01 16.86
CA VAL B 220 -11.31 24.32 17.16
C VAL B 220 -11.49 24.44 18.67
N PRO B 221 -11.92 25.63 19.12
CA PRO B 221 -12.14 25.89 20.55
C PRO B 221 -13.56 25.55 20.99
N ARG B 222 -13.97 25.99 22.15
CA ARG B 222 -15.27 25.65 22.58
C ARG B 222 -16.23 26.24 21.59
N ILE B 223 -16.84 25.32 20.85
CA ILE B 223 -17.79 25.53 19.77
C ILE B 223 -19.20 25.09 20.19
N GLU B 224 -20.16 25.98 20.00
CA GLU B 224 -21.54 25.70 20.34
C GLU B 224 -22.16 25.20 19.09
N LEU B 225 -23.01 24.22 19.21
CA LEU B 225 -23.64 23.67 18.07
C LEU B 225 -25.09 23.98 18.06
N GLN B 226 -25.51 24.68 17.04
CA GLN B 226 -26.92 24.99 16.84
C GLN B 226 -27.51 23.96 15.89
N GLU B 227 -28.40 23.11 16.34
CA GLU B 227 -28.95 22.09 15.50
C GLU B 227 -29.65 22.73 14.36
N TYR B 228 -29.29 22.30 13.16
CA TYR B 228 -29.91 22.83 11.96
C TYR B 228 -31.24 22.14 11.69
N TYR B 229 -32.32 22.86 12.02
CA TYR B 229 -33.70 22.39 11.86
C TYR B 229 -33.95 21.06 12.58
N GLU B 230 -34.22 20.01 11.82
CA GLU B 230 -34.49 18.71 12.43
C GLU B 230 -33.97 17.57 11.56
N THR B 231 -32.71 17.68 11.15
CA THR B 231 -32.05 16.65 10.35
C THR B 231 -31.30 15.80 11.36
N GLY B 232 -30.57 16.49 12.24
CA GLY B 232 -29.84 15.86 13.30
C GLY B 232 -28.41 15.72 12.89
N ALA B 233 -28.09 16.01 11.65
CA ALA B 233 -26.78 15.86 11.16
C ALA B 233 -26.18 17.13 10.67
N PHE B 234 -26.98 18.13 10.38
CA PHE B 234 -26.45 19.38 9.93
C PHE B 234 -26.57 20.35 11.06
N TYR B 235 -25.49 21.01 11.40
CA TYR B 235 -25.48 21.93 12.52
C TYR B 235 -24.96 23.28 12.08
N LEU B 236 -25.06 24.25 12.99
CA LEU B 236 -24.59 25.61 12.77
C LEU B 236 -23.48 25.87 13.79
N VAL B 237 -22.25 25.99 13.30
CA VAL B 237 -21.08 26.08 14.17
C VAL B 237 -20.92 27.52 14.65
N LYS B 238 -20.89 27.70 15.97
CA LYS B 238 -20.62 28.98 16.58
C LYS B 238 -19.38 28.84 17.47
N PHE B 239 -18.96 29.98 18.03
CA PHE B 239 -17.85 30.03 18.97
C PHE B 239 -18.41 30.32 20.35
N LYS B 240 -18.17 29.45 21.29
CA LYS B 240 -18.70 29.58 22.63
C LYS B 240 -18.41 30.86 23.33
N ARG B 241 -17.15 31.13 23.48
CA ARG B 241 -16.80 32.35 24.11
C ARG B 241 -16.17 33.17 23.06
N ILE B 242 -16.44 34.43 23.20
CA ILE B 242 -16.10 35.50 22.25
C ILE B 242 -14.65 35.37 21.77
N PRO B 243 -14.45 35.47 20.45
CA PRO B 243 -13.20 35.37 19.70
C PRO B 243 -12.04 36.12 20.35
N ARG B 244 -10.94 35.42 20.58
CA ARG B 244 -9.76 36.01 21.21
C ARG B 244 -8.48 35.60 20.48
N GLY B 245 -8.22 34.31 20.44
CA GLY B 245 -7.02 33.79 19.78
C GLY B 245 -7.29 32.68 18.79
N ASN B 246 -7.78 33.07 17.61
CA ASN B 246 -8.08 32.11 16.55
C ASN B 246 -8.19 32.83 15.21
N PRO B 247 -7.40 32.40 14.21
CA PRO B 247 -7.43 33.03 12.93
C PRO B 247 -8.67 32.63 12.20
N LEU B 248 -9.51 31.89 12.83
CA LEU B 248 -10.79 31.51 12.24
C LEU B 248 -11.85 32.59 12.36
N SER B 249 -11.49 33.78 12.85
CA SER B 249 -12.42 34.89 12.87
C SER B 249 -12.52 35.54 11.48
N HIS B 250 -11.61 35.18 10.59
CA HIS B 250 -11.64 35.68 9.23
C HIS B 250 -12.81 35.07 8.47
N PHE B 251 -13.30 33.92 8.95
CA PHE B 251 -14.35 33.17 8.29
C PHE B 251 -15.72 33.37 8.93
N LEU B 252 -15.85 34.32 9.85
CA LEU B 252 -17.09 34.51 10.58
C LEU B 252 -18.10 35.30 9.76
N GLU B 253 -19.27 34.68 9.51
CA GLU B 253 -20.40 35.34 8.86
C GLU B 253 -21.45 35.57 9.96
N GLY B 254 -21.49 36.79 10.48
CA GLY B 254 -22.31 37.06 11.64
C GLY B 254 -21.74 36.38 12.86
N GLU B 255 -22.57 35.65 13.59
CA GLU B 255 -22.11 34.88 14.75
C GLU B 255 -21.63 33.49 14.40
N VAL B 256 -22.16 32.88 13.37
CA VAL B 256 -21.86 31.50 13.03
C VAL B 256 -20.58 31.46 12.18
N LEU B 257 -19.91 30.31 12.21
CA LEU B 257 -18.73 30.10 11.39
C LEU B 257 -19.15 29.66 10.00
N SER B 258 -18.92 30.53 9.01
CA SER B 258 -19.31 30.25 7.65
C SER B 258 -18.42 29.16 7.05
N ALA B 259 -19.06 28.17 6.43
CA ALA B 259 -18.36 27.06 5.81
C ALA B 259 -17.85 27.38 4.41
N THR B 260 -18.49 28.30 3.69
CA THR B 260 -18.02 28.65 2.36
C THR B 260 -16.74 29.48 2.40
N LYS B 261 -16.76 30.60 3.15
CA LYS B 261 -15.57 31.43 3.31
C LYS B 261 -14.36 30.61 3.74
N MET B 262 -14.54 29.70 4.68
CA MET B 262 -13.44 28.85 5.12
C MET B 262 -13.01 27.88 4.02
N LEU B 263 -13.98 27.27 3.35
CA LEU B 263 -13.67 26.30 2.30
C LEU B 263 -13.14 26.99 1.05
N SER B 264 -13.68 28.18 0.78
CA SER B 264 -13.28 28.98 -0.35
C SER B 264 -11.82 29.39 -0.21
N LYS B 265 -11.36 29.57 1.02
CA LYS B 265 -10.01 29.95 1.20
C LYS B 265 -9.17 28.74 1.39
N PHE B 266 -9.75 27.66 1.84
CA PHE B 266 -9.02 26.44 2.01
C PHE B 266 -8.59 26.04 0.64
N ARG B 267 -9.53 26.02 -0.26
CA ARG B 267 -9.24 25.59 -1.62
C ARG B 267 -8.17 26.46 -2.27
N LYS B 268 -8.14 27.76 -1.94
CA LYS B 268 -7.23 28.67 -2.61
C LYS B 268 -5.79 28.40 -2.23
N ILE B 269 -5.56 27.91 -1.01
CA ILE B 269 -4.20 27.58 -0.57
C ILE B 269 -3.74 26.27 -1.21
N ILE B 270 -4.60 25.28 -1.23
CA ILE B 270 -4.21 24.03 -1.81
C ILE B 270 -4.11 24.16 -3.28
N LYS B 271 -4.89 25.08 -3.84
CA LYS B 271 -4.87 25.31 -5.28
C LYS B 271 -3.73 26.25 -5.65
N GLU B 272 -2.81 26.44 -4.71
CA GLU B 272 -1.66 27.32 -4.92
C GLU B 272 -0.35 26.60 -4.59
N GLU B 273 -0.41 25.63 -3.69
CA GLU B 273 0.77 24.90 -3.32
C GLU B 273 1.00 23.58 -3.98
N VAL B 274 0.14 23.20 -4.90
CA VAL B 274 0.33 21.95 -5.64
C VAL B 274 1.22 22.24 -6.85
N LYS B 275 1.26 23.50 -7.26
CA LYS B 275 2.08 23.92 -8.38
C LYS B 275 3.49 24.24 -7.89
N GLU B 276 3.54 24.65 -6.63
CA GLU B 276 4.76 25.02 -5.99
C GLU B 276 5.65 23.81 -5.88
N ILE B 277 5.22 22.66 -6.37
CA ILE B 277 6.08 21.52 -6.39
C ILE B 277 5.94 20.94 -7.75
N LYS B 278 7.05 20.53 -8.31
CA LYS B 278 7.02 19.85 -9.56
C LYS B 278 7.74 18.56 -9.21
N ASP B 279 7.04 17.47 -9.36
CA ASP B 279 7.58 16.20 -9.05
C ASP B 279 6.71 15.28 -9.83
N ILE B 280 5.41 15.56 -9.87
CA ILE B 280 4.42 14.78 -10.59
C ILE B 280 3.22 15.52 -11.19
N ASP B 281 2.39 14.82 -11.97
CA ASP B 281 1.28 15.49 -12.60
C ASP B 281 0.01 15.43 -11.78
N VAL B 282 -0.19 16.47 -10.98
CA VAL B 282 -1.35 16.58 -10.12
C VAL B 282 -2.19 17.76 -10.58
N SER B 283 -3.51 17.59 -10.55
CA SER B 283 -4.43 18.64 -10.94
C SER B 283 -5.58 18.67 -9.94
N VAL B 284 -6.29 19.80 -9.91
CA VAL B 284 -7.42 19.98 -9.01
C VAL B 284 -8.72 20.11 -9.81
N GLU B 285 -9.82 19.67 -9.22
CA GLU B 285 -11.12 19.74 -9.88
C GLU B 285 -11.81 21.07 -9.60
N LYS B 286 -12.90 21.33 -10.32
CA LYS B 286 -13.66 22.56 -10.17
C LYS B 286 -14.44 22.51 -8.86
N GLU B 287 -14.87 23.68 -8.38
CA GLU B 287 -15.62 23.76 -7.13
C GLU B 287 -17.06 23.65 -7.60
N LYS B 288 -17.59 22.43 -7.54
CA LYS B 288 -18.98 22.17 -7.92
C LYS B 288 -19.85 22.11 -6.66
N PRO B 289 -21.12 22.55 -6.79
CA PRO B 289 -22.09 22.57 -5.68
C PRO B 289 -22.24 21.23 -4.99
N GLY B 290 -22.42 21.26 -3.66
CA GLY B 290 -22.60 20.06 -2.89
C GLY B 290 -21.36 19.48 -2.29
N SER B 291 -20.23 19.65 -2.95
CA SER B 291 -18.95 19.13 -2.53
C SER B 291 -18.26 19.96 -1.51
N PRO B 292 -17.93 19.35 -0.38
CA PRO B 292 -17.23 20.07 0.62
C PRO B 292 -15.83 19.56 0.52
N ALA B 293 -15.40 19.25 -0.69
CA ALA B 293 -14.06 18.70 -0.83
C ALA B 293 -13.30 19.41 -1.94
N VAL B 294 -11.99 19.19 -1.96
CA VAL B 294 -11.10 19.75 -2.97
C VAL B 294 -10.35 18.56 -3.55
N THR B 295 -10.94 17.95 -4.57
CA THR B 295 -10.38 16.75 -5.19
C THR B 295 -9.24 16.93 -6.20
N LEU B 296 -8.16 16.20 -5.94
CA LEU B 296 -6.99 16.15 -6.80
C LEU B 296 -7.03 15.06 -7.85
N LEU B 297 -7.43 15.39 -9.07
CA LEU B 297 -7.46 14.43 -10.16
C LEU B 297 -6.01 14.34 -10.54
N ILE B 298 -5.37 13.24 -10.16
CA ILE B 298 -3.98 13.04 -10.56
C ILE B 298 -4.06 12.04 -11.66
N ARG B 299 -3.20 12.27 -12.64
CA ARG B 299 -3.19 11.43 -13.81
C ARG B 299 -1.88 10.69 -14.07
N ASN B 300 -1.45 10.08 -12.98
CA ASN B 300 -0.46 9.02 -12.92
C ASN B 300 -1.16 7.69 -13.14
N PRO B 301 -2.11 7.36 -12.26
CA PRO B 301 -2.91 6.13 -12.33
C PRO B 301 -4.29 6.35 -12.93
N GLU B 302 -4.39 6.30 -14.25
CA GLU B 302 -5.66 6.51 -14.95
C GLU B 302 -6.21 7.89 -14.62
N GLU B 303 -7.38 7.94 -13.99
CA GLU B 303 -8.01 9.20 -13.62
C GLU B 303 -8.33 9.22 -12.12
N ILE B 304 -7.31 9.38 -11.30
CA ILE B 304 -7.48 9.40 -9.85
C ILE B 304 -8.02 10.73 -9.35
N SER B 305 -8.75 10.70 -8.24
CA SER B 305 -9.34 11.90 -7.65
C SER B 305 -9.32 11.78 -6.13
N VAL B 306 -8.19 12.12 -5.54
CA VAL B 306 -8.03 12.06 -4.09
C VAL B 306 -8.85 13.18 -3.46
N ASP B 307 -9.81 12.82 -2.61
CA ASP B 307 -10.68 13.79 -1.97
C ASP B 307 -10.00 14.36 -0.74
N ILE B 308 -9.87 15.69 -0.69
CA ILE B 308 -9.37 16.39 0.48
C ILE B 308 -10.58 17.05 1.14
N ILE B 309 -10.88 16.66 2.37
CA ILE B 309 -12.10 17.07 3.05
C ILE B 309 -11.72 17.79 4.33
N LEU B 310 -11.93 19.10 4.36
CA LEU B 310 -11.72 19.88 5.58
C LEU B 310 -12.75 19.49 6.63
N ALA B 311 -12.28 19.29 7.85
CA ALA B 311 -13.13 18.83 8.94
C ALA B 311 -12.78 19.58 10.22
N LEU B 312 -13.81 19.99 10.95
CA LEU B 312 -13.65 20.65 12.24
C LEU B 312 -13.66 19.59 13.33
N GLU B 313 -12.60 19.56 14.13
CA GLU B 313 -12.45 18.60 15.22
C GLU B 313 -12.90 19.25 16.51
N SER B 314 -13.87 18.63 17.19
CA SER B 314 -14.35 19.10 18.48
C SER B 314 -14.19 17.97 19.49
N LYS B 315 -13.36 18.21 20.51
CA LYS B 315 -13.07 17.21 21.52
C LYS B 315 -14.13 17.15 22.62
N GLY B 316 -15.17 17.97 22.54
CA GLY B 316 -16.22 17.92 23.53
C GLY B 316 -17.12 16.71 23.40
N SER B 317 -18.18 16.65 24.19
CA SER B 317 -19.11 15.54 24.11
C SER B 317 -19.85 15.56 22.78
N TRP B 318 -20.26 14.37 22.35
CA TRP B 318 -20.92 14.22 21.06
C TRP B 318 -22.29 14.91 21.07
N PRO B 319 -22.81 15.27 19.90
CA PRO B 319 -24.13 15.92 19.86
C PRO B 319 -25.21 15.03 20.46
N ILE B 320 -26.27 15.66 20.94
CA ILE B 320 -27.38 14.94 21.57
C ILE B 320 -28.18 14.12 20.57
N SER B 321 -27.99 14.37 19.27
CA SER B 321 -28.67 13.60 18.25
C SER B 321 -28.01 12.26 17.99
N THR B 322 -26.85 11.99 18.60
CA THR B 322 -26.14 10.74 18.44
C THR B 322 -26.14 9.92 19.74
N LYS B 323 -27.13 10.17 20.59
CA LYS B 323 -27.15 9.56 21.91
C LYS B 323 -27.63 8.12 21.90
N GLU B 324 -28.76 7.83 21.27
CA GLU B 324 -29.27 6.47 21.12
C GLU B 324 -28.65 5.79 19.91
N GLY B 325 -27.72 6.45 19.24
CA GLY B 325 -27.03 5.89 18.10
C GLY B 325 -25.84 5.02 18.53
N LEU B 326 -25.25 4.37 17.53
CA LEU B 326 -24.15 3.44 17.74
C LEU B 326 -24.54 2.37 18.74
N PRO B 327 -25.53 1.54 18.38
CA PRO B 327 -26.01 0.46 19.25
C PRO B 327 -25.15 -0.80 19.11
N ILE B 328 -23.93 -0.74 19.65
CA ILE B 328 -23.01 -1.88 19.56
C ILE B 328 -22.85 -2.58 20.91
N GLN B 329 -23.80 -2.37 21.80
CA GLN B 329 -23.76 -2.98 23.14
C GLN B 329 -23.69 -4.51 23.07
N GLY B 330 -24.58 -5.10 22.29
CA GLY B 330 -24.62 -6.55 22.14
C GLY B 330 -23.73 -7.04 21.02
N TRP B 331 -23.11 -6.11 20.30
CA TRP B 331 -22.22 -6.45 19.20
C TRP B 331 -20.76 -6.30 19.60
N LEU B 332 -20.32 -5.05 19.74
CA LEU B 332 -18.95 -4.75 20.12
C LEU B 332 -18.76 -4.54 21.61
N GLY B 333 -19.81 -4.17 22.33
CA GLY B 333 -19.74 -4.02 23.77
C GLY B 333 -19.84 -2.56 24.20
N THR B 334 -20.35 -2.38 25.43
CA THR B 334 -20.41 -1.05 26.03
C THR B 334 -19.03 -0.50 26.36
N LYS B 335 -18.03 -1.38 26.52
CA LYS B 335 -16.67 -0.92 26.76
C LYS B 335 -16.09 -0.29 25.50
N VAL B 336 -16.38 -0.87 24.33
CA VAL B 336 -15.87 -0.32 23.08
C VAL B 336 -16.66 0.90 22.67
N ARG B 337 -17.98 0.89 22.85
CA ARG B 337 -18.83 2.03 22.52
C ARG B 337 -18.48 3.27 23.33
N THR B 338 -18.09 3.10 24.59
CA THR B 338 -17.75 4.25 25.43
C THR B 338 -16.44 4.89 24.99
N ASN B 339 -15.42 4.07 24.70
CA ASN B 339 -14.13 4.58 24.28
C ASN B 339 -14.15 5.24 22.91
N LEU B 340 -15.17 4.96 22.10
CA LEU B 340 -15.31 5.63 20.80
C LEU B 340 -16.01 6.97 20.92
N ARG B 341 -16.97 7.10 21.83
CA ARG B 341 -17.66 8.35 22.07
C ARG B 341 -16.90 9.39 22.89
N ARG B 342 -15.81 9.00 23.55
CA ARG B 342 -14.89 9.94 24.17
C ARG B 342 -13.81 10.41 23.19
N GLU B 343 -13.97 10.07 21.92
CA GLU B 343 -13.07 10.49 20.85
C GLU B 343 -13.71 11.74 20.28
N PRO B 344 -12.98 12.60 19.59
CA PRO B 344 -13.58 13.79 18.99
C PRO B 344 -14.49 13.42 17.83
N PHE B 345 -15.50 14.26 17.62
CA PHE B 345 -16.39 14.14 16.47
C PHE B 345 -16.06 15.26 15.50
N TYR B 346 -16.42 15.07 14.23
CA TYR B 346 -15.97 15.94 13.17
C TYR B 346 -17.14 16.48 12.36
N LEU B 347 -16.97 17.71 11.87
CA LEU B 347 -17.97 18.39 11.05
C LEU B 347 -17.36 18.68 9.69
N VAL B 348 -18.06 18.22 8.66
CA VAL B 348 -17.66 18.44 7.27
C VAL B 348 -18.54 19.56 6.74
N PRO B 349 -18.00 20.41 5.87
CA PRO B 349 -18.75 21.54 5.33
C PRO B 349 -19.79 21.17 4.27
N LYS B 350 -20.79 20.36 4.62
CA LYS B 350 -21.81 20.03 3.64
C LYS B 350 -22.97 20.94 3.62
N ASN B 351 -23.32 21.50 2.50
CA ASN B 351 -24.45 22.41 2.42
C ASN B 351 -25.83 21.79 2.62
N ALA B 352 -26.44 21.97 3.77
CA ALA B 352 -27.76 21.41 3.94
C ALA B 352 -28.58 22.20 3.02
N LYS B 353 -28.99 21.64 1.90
CA LYS B 353 -29.81 22.38 0.94
C LYS B 353 -31.29 22.27 1.26
N ASP B 354 -31.71 22.65 2.46
CA ASP B 354 -33.08 22.53 2.83
C ASP B 354 -33.85 23.44 1.94
N GLY B 355 -33.28 24.62 1.67
CA GLY B 355 -33.93 25.60 0.81
C GLY B 355 -33.40 27.00 1.08
N ASN B 356 -34.32 27.84 1.49
CA ASN B 356 -33.96 29.17 1.82
C ASN B 356 -33.75 29.34 3.33
N SER B 357 -32.47 29.46 3.62
CA SER B 357 -31.84 29.75 4.94
C SER B 357 -30.35 29.71 4.52
N PHE B 358 -29.48 29.42 5.48
CA PHE B 358 -28.06 29.43 5.24
C PHE B 358 -27.42 28.55 4.17
N GLN B 359 -26.98 29.13 3.04
CA GLN B 359 -26.33 28.34 2.00
C GLN B 359 -25.02 27.61 2.33
N GLY B 360 -24.05 28.35 2.85
CA GLY B 360 -22.77 27.78 3.20
C GLY B 360 -22.34 28.10 4.61
N GLU B 361 -23.29 28.10 5.54
CA GLU B 361 -22.99 28.18 6.96
C GLU B 361 -23.27 26.88 7.69
N THR B 362 -23.68 25.83 7.00
CA THR B 362 -24.05 24.57 7.61
C THR B 362 -22.93 23.56 7.47
N TRP B 363 -22.69 22.79 8.52
CA TRP B 363 -21.72 21.71 8.55
C TRP B 363 -22.47 20.40 8.77
N ARG B 364 -21.77 19.31 8.57
CA ARG B 364 -22.36 18.02 8.75
C ARG B 364 -21.48 17.17 9.62
N LEU B 365 -22.06 16.26 10.36
CA LEU B 365 -21.30 15.37 11.24
C LEU B 365 -20.63 14.26 10.44
N SER B 366 -19.34 14.09 10.67
CA SER B 366 -18.55 13.06 10.00
C SER B 366 -18.10 12.03 11.02
N PHE B 367 -18.35 10.76 10.73
CA PHE B 367 -17.98 9.66 11.61
C PHE B 367 -17.05 8.70 10.90
N SER B 368 -16.30 9.21 9.92
CA SER B 368 -15.37 8.36 9.18
C SER B 368 -14.30 7.75 10.07
N HIS B 369 -14.04 8.36 11.19
CA HIS B 369 -13.03 7.83 12.08
C HIS B 369 -13.55 6.70 12.92
N THR B 370 -14.80 6.81 13.33
CA THR B 370 -15.45 5.82 14.16
C THR B 370 -15.91 4.70 13.30
N GLU B 371 -16.27 5.04 12.07
CA GLU B 371 -16.76 4.07 11.11
C GLU B 371 -15.70 3.08 10.66
N LYS B 372 -14.43 3.48 10.69
CA LYS B 372 -13.41 2.56 10.26
C LYS B 372 -12.83 1.84 11.38
N TYR B 373 -13.35 2.09 12.58
CA TYR B 373 -12.90 1.42 13.78
C TYR B 373 -13.83 0.23 13.85
N ILE B 374 -14.98 0.41 13.21
CA ILE B 374 -15.98 -0.64 13.13
C ILE B 374 -15.73 -1.53 11.93
N LEU B 375 -15.11 -0.98 10.88
CA LEU B 375 -14.83 -1.79 9.70
C LEU B 375 -13.72 -2.80 9.97
N ASN B 376 -12.62 -2.35 10.59
CA ASN B 376 -11.51 -3.24 10.89
C ASN B 376 -11.74 -4.08 12.14
N ASN B 377 -12.58 -3.61 13.07
CA ASN B 377 -12.94 -4.36 14.28
C ASN B 377 -14.43 -4.67 14.22
N HIS B 378 -14.81 -5.57 13.31
CA HIS B 378 -16.21 -5.84 13.00
C HIS B 378 -16.76 -7.07 13.71
N GLY B 379 -15.90 -7.91 14.29
CA GLY B 379 -16.34 -9.14 14.88
C GLY B 379 -16.63 -9.02 16.38
N ILE B 380 -17.36 -10.00 16.89
CA ILE B 380 -17.56 -10.13 18.32
C ILE B 380 -16.33 -10.73 19.01
N GLU B 381 -15.55 -11.55 18.29
CA GLU B 381 -14.25 -11.99 18.76
C GLU B 381 -13.20 -10.97 18.35
N LYS B 382 -12.24 -10.73 19.20
CA LYS B 382 -11.26 -9.77 18.86
C LYS B 382 -10.37 -10.25 17.76
N THR B 383 -10.23 -11.54 17.60
CA THR B 383 -9.36 -12.13 16.59
C THR B 383 -10.07 -12.40 15.27
N CYS B 384 -11.22 -11.78 15.04
CA CYS B 384 -11.93 -11.97 13.79
C CYS B 384 -11.12 -11.41 12.64
N CYS B 385 -10.94 -12.22 11.59
CA CYS B 385 -10.17 -11.89 10.40
C CYS B 385 -8.73 -11.47 10.72
N GLU B 386 -8.16 -11.97 11.81
CA GLU B 386 -6.79 -11.66 12.15
C GLU B 386 -5.85 -12.77 11.67
N SER B 387 -4.61 -12.72 12.15
CA SER B 387 -3.63 -13.75 11.80
C SER B 387 -3.91 -15.04 12.57
N SER B 388 -4.01 -14.94 13.89
CA SER B 388 -4.31 -16.09 14.74
C SER B 388 -5.80 -16.14 15.09
N GLY B 389 -6.65 -15.95 14.10
CA GLY B 389 -8.08 -15.97 14.32
C GLY B 389 -8.85 -16.52 13.14
N ALA B 390 -10.17 -16.43 13.20
CA ALA B 390 -11.04 -16.96 12.15
C ALA B 390 -11.57 -15.83 11.28
N LYS B 391 -11.83 -16.13 10.04
CA LYS B 391 -12.31 -15.15 9.12
C LYS B 391 -13.79 -15.07 9.11
N CYS B 392 -14.31 -14.11 8.40
CA CYS B 392 -15.74 -13.93 8.27
C CYS B 392 -16.02 -13.32 6.90
N CYS B 393 -17.30 -13.27 6.54
CA CYS B 393 -17.73 -12.76 5.25
C CYS B 393 -18.37 -11.38 5.36
N ARG B 394 -18.05 -10.65 6.43
CA ARG B 394 -18.59 -9.31 6.62
C ARG B 394 -18.04 -8.30 5.63
N LYS B 395 -16.71 -8.18 5.52
CA LYS B 395 -16.13 -7.28 4.53
C LYS B 395 -16.43 -7.72 3.11
N GLU B 396 -16.51 -9.03 2.87
CA GLU B 396 -16.82 -9.52 1.53
C GLU B 396 -18.27 -9.23 1.16
N CYS B 397 -19.22 -9.46 2.07
CA CYS B 397 -20.60 -9.04 1.84
C CYS B 397 -20.74 -7.54 1.75
N LEU B 398 -19.76 -6.78 2.24
CA LEU B 398 -19.75 -5.33 2.03
C LEU B 398 -19.22 -5.03 0.63
N LYS B 399 -18.14 -5.70 0.23
CA LYS B 399 -17.55 -5.44 -1.08
C LYS B 399 -18.48 -5.86 -2.21
N LEU B 400 -19.24 -6.93 -2.02
CA LEU B 400 -20.16 -7.37 -3.06
C LEU B 400 -21.35 -6.45 -3.24
N MET B 401 -21.88 -5.90 -2.16
CA MET B 401 -22.98 -4.94 -2.27
C MET B 401 -22.53 -3.61 -2.83
N LYS B 402 -21.29 -3.19 -2.54
CA LYS B 402 -20.75 -1.99 -3.17
C LYS B 402 -20.55 -2.20 -4.67
N TYR B 403 -20.02 -3.35 -5.06
CA TYR B 403 -19.83 -3.63 -6.47
C TYR B 403 -21.16 -3.84 -7.19
N LEU B 404 -22.18 -4.29 -6.45
CA LEU B 404 -23.51 -4.41 -7.04
C LEU B 404 -24.12 -3.04 -7.29
N LEU B 405 -24.10 -2.18 -6.28
CA LEU B 405 -24.65 -0.84 -6.44
C LEU B 405 -23.80 0.01 -7.38
N GLU B 406 -22.48 -0.18 -7.36
CA GLU B 406 -21.61 0.56 -8.27
C GLU B 406 -21.86 0.21 -9.72
N GLN B 407 -21.98 -1.09 -10.05
CA GLN B 407 -22.23 -1.52 -11.41
C GLN B 407 -23.67 -1.25 -11.86
N LEU B 408 -24.61 -1.12 -10.93
CA LEU B 408 -25.98 -0.75 -11.31
C LEU B 408 -26.06 0.72 -11.68
N LYS B 409 -25.36 1.58 -10.94
CA LYS B 409 -25.39 3.01 -11.23
C LYS B 409 -24.68 3.37 -12.52
N LYS B 410 -23.75 2.54 -13.00
CA LYS B 410 -23.07 2.81 -14.26
C LYS B 410 -23.98 2.71 -15.46
N GLU B 411 -25.08 1.96 -15.37
CA GLU B 411 -26.01 1.80 -16.47
C GLU B 411 -27.30 2.58 -16.27
N PHE B 412 -27.64 2.87 -15.04
CA PHE B 412 -28.81 3.64 -14.79
C PHE B 412 -28.45 4.87 -14.08
N GLN B 413 -28.87 5.97 -14.66
CA GLN B 413 -28.71 7.25 -14.06
C GLN B 413 -29.96 7.57 -13.28
N GLU B 414 -30.75 6.58 -12.92
CA GLU B 414 -31.92 6.87 -12.17
C GLU B 414 -31.59 6.47 -10.78
N LEU B 415 -30.39 5.94 -10.65
CA LEU B 415 -29.88 5.54 -9.39
C LEU B 415 -28.77 6.52 -9.17
N ASP B 416 -29.12 7.76 -9.12
CA ASP B 416 -28.13 8.79 -8.88
C ASP B 416 -28.43 9.37 -7.52
N ALA B 417 -29.35 8.69 -6.84
CA ALA B 417 -29.79 9.08 -5.51
C ALA B 417 -29.24 8.18 -4.42
N PHE B 418 -28.52 7.12 -4.78
CA PHE B 418 -27.97 6.17 -3.83
C PHE B 418 -26.45 6.21 -3.91
N CYS B 419 -25.81 6.35 -2.75
CA CYS B 419 -24.35 6.38 -2.66
C CYS B 419 -23.87 5.20 -1.83
N SER B 420 -22.55 5.06 -1.71
CA SER B 420 -21.95 3.97 -0.97
C SER B 420 -22.28 4.01 0.52
N TYR B 421 -22.64 5.16 1.05
CA TYR B 421 -22.96 5.28 2.47
C TYR B 421 -24.30 4.66 2.83
N HIS B 422 -25.19 4.48 1.85
CA HIS B 422 -26.43 3.75 2.10
C HIS B 422 -26.18 2.27 2.35
N VAL B 423 -25.14 1.74 1.74
CA VAL B 423 -24.75 0.36 1.86
C VAL B 423 -23.99 0.18 3.14
N LYS B 424 -23.08 1.09 3.44
CA LYS B 424 -22.31 1.05 4.65
C LYS B 424 -23.23 1.04 5.79
N THR B 425 -24.13 1.99 5.86
CA THR B 425 -25.05 2.04 6.99
C THR B 425 -25.98 0.83 7.02
N ALA B 426 -26.30 0.27 5.85
CA ALA B 426 -27.17 -0.90 5.83
C ALA B 426 -26.49 -2.11 6.46
N ILE B 427 -25.22 -2.35 6.10
CA ILE B 427 -24.52 -3.51 6.66
C ILE B 427 -24.15 -3.29 8.12
N PHE B 428 -24.16 -2.05 8.61
CA PHE B 428 -24.01 -1.83 10.04
C PHE B 428 -25.25 -2.29 10.79
N HIS B 429 -26.43 -1.97 10.27
CA HIS B 429 -27.67 -2.46 10.88
C HIS B 429 -27.77 -3.97 10.78
N MET B 430 -27.18 -4.56 9.73
CA MET B 430 -27.21 -6.01 9.59
C MET B 430 -26.17 -6.67 10.49
N TRP B 431 -24.99 -6.05 10.64
CA TRP B 431 -24.00 -6.58 11.57
C TRP B 431 -24.47 -6.50 13.01
N THR B 432 -25.13 -5.40 13.38
CA THR B 432 -25.67 -5.27 14.72
C THR B 432 -26.82 -6.23 14.97
N GLN B 433 -27.60 -6.54 13.93
CA GLN B 433 -28.70 -7.50 14.07
C GLN B 433 -28.17 -8.91 14.27
N ASP B 434 -27.06 -9.26 13.60
CA ASP B 434 -26.40 -10.56 13.70
C ASP B 434 -25.02 -10.36 14.28
N PRO B 435 -24.87 -10.28 15.61
CA PRO B 435 -23.57 -9.93 16.19
C PRO B 435 -22.56 -11.07 16.15
N GLN B 436 -23.03 -12.29 16.38
CA GLN B 436 -22.13 -13.44 16.45
C GLN B 436 -21.43 -13.67 15.11
N ASP B 437 -20.15 -14.03 15.20
CA ASP B 437 -19.37 -14.36 14.02
C ASP B 437 -19.79 -15.67 13.37
N SER B 438 -20.58 -16.49 14.08
CA SER B 438 -21.06 -17.73 13.49
C SER B 438 -22.05 -17.46 12.37
N GLN B 439 -22.80 -16.37 12.48
CA GLN B 439 -23.76 -15.98 11.47
C GLN B 439 -23.11 -15.33 10.25
N TRP B 440 -21.77 -15.25 10.23
CA TRP B 440 -21.03 -14.66 9.12
C TRP B 440 -19.85 -15.55 8.77
N ASP B 441 -20.05 -16.85 8.84
CA ASP B 441 -18.99 -17.80 8.53
C ASP B 441 -18.64 -17.72 7.05
N PRO B 442 -17.34 -17.73 6.72
CA PRO B 442 -16.93 -17.61 5.31
C PRO B 442 -17.52 -18.70 4.43
N ARG B 443 -17.98 -19.80 5.00
CA ARG B 443 -18.58 -20.90 4.24
C ARG B 443 -20.07 -20.68 4.02
N ASN B 444 -20.56 -19.47 4.27
CA ASN B 444 -21.95 -19.13 4.02
C ASN B 444 -22.04 -17.77 3.33
N LEU B 445 -21.14 -17.51 2.38
CA LEU B 445 -21.11 -16.23 1.69
C LEU B 445 -22.38 -15.96 0.90
N SER B 446 -22.92 -16.97 0.21
CA SER B 446 -24.13 -16.77 -0.58
C SER B 446 -25.35 -16.56 0.30
N SER B 447 -25.38 -17.19 1.47
CA SER B 447 -26.50 -16.99 2.40
C SER B 447 -26.41 -15.65 3.09
N CYS B 448 -25.21 -15.26 3.55
CA CYS B 448 -25.05 -13.99 4.23
C CYS B 448 -25.28 -12.83 3.27
N PHE B 449 -24.87 -12.99 2.01
CA PHE B 449 -25.11 -11.94 1.02
C PHE B 449 -26.60 -11.84 0.69
N ASP B 450 -27.30 -12.98 0.63
CA ASP B 450 -28.73 -12.93 0.37
C ASP B 450 -29.48 -12.34 1.55
N LYS B 451 -28.98 -12.57 2.76
CA LYS B 451 -29.58 -11.94 3.93
C LYS B 451 -29.40 -10.43 3.88
N LEU B 452 -28.25 -9.95 3.42
CA LEU B 452 -28.02 -8.52 3.31
C LEU B 452 -28.83 -7.92 2.17
N LEU B 453 -29.02 -8.68 1.08
CA LEU B 453 -29.84 -8.19 -0.02
C LEU B 453 -31.30 -8.07 0.39
N ALA B 454 -31.82 -9.06 1.12
CA ALA B 454 -33.19 -8.99 1.60
C ALA B 454 -33.36 -7.88 2.63
N PHE B 455 -32.27 -7.48 3.29
CA PHE B 455 -32.35 -6.38 4.23
C PHE B 455 -32.44 -5.05 3.50
N PHE B 456 -31.65 -4.90 2.43
CA PHE B 456 -31.69 -3.65 1.66
C PHE B 456 -32.97 -3.54 0.86
N LEU B 457 -33.60 -4.68 0.53
CA LEU B 457 -34.89 -4.63 -0.14
C LEU B 457 -36.00 -4.21 0.80
N GLU B 458 -35.90 -4.60 2.08
CA GLU B 458 -36.87 -4.17 3.07
C GLU B 458 -36.66 -2.71 3.48
N CYS B 459 -35.41 -2.26 3.38
CA CYS B 459 -35.08 -0.87 3.69
C CYS B 459 -35.69 0.04 2.64
N LEU B 460 -35.64 -0.36 1.37
CA LEU B 460 -36.19 0.42 0.33
C LEU B 460 -37.65 0.31 0.43
N ARG B 461 -38.15 -0.91 0.51
CA ARG B 461 -39.57 -1.18 0.60
C ARG B 461 -40.33 -0.37 1.67
N THR B 462 -39.74 -0.19 2.85
CA THR B 462 -40.41 0.53 3.89
C THR B 462 -39.92 1.91 4.07
N GLU B 463 -39.04 2.31 3.20
CA GLU B 463 -38.40 3.60 3.25
C GLU B 463 -37.93 3.94 4.61
N LYS B 464 -36.98 3.20 5.11
CA LYS B 464 -36.46 3.43 6.39
C LYS B 464 -35.13 2.86 6.55
N LEU B 465 -34.16 3.71 6.35
CA LEU B 465 -32.74 3.42 6.54
C LEU B 465 -32.14 4.50 7.44
N ASP B 466 -32.34 4.34 8.74
CA ASP B 466 -31.88 5.33 9.70
C ASP B 466 -30.36 5.40 9.73
N HIS B 467 -29.85 6.62 9.90
CA HIS B 467 -28.41 6.81 10.10
C HIS B 467 -27.96 6.02 11.31
N TYR B 468 -26.84 5.28 11.15
CA TYR B 468 -26.40 4.38 12.21
C TYR B 468 -26.03 5.14 13.48
N PHE B 469 -25.45 6.33 13.35
CA PHE B 469 -25.12 7.17 14.49
C PHE B 469 -26.22 8.15 14.86
N ILE B 470 -27.14 8.46 13.95
CA ILE B 470 -28.21 9.43 14.21
C ILE B 470 -29.54 8.76 13.93
N PRO B 471 -30.21 8.20 14.93
CA PRO B 471 -31.42 7.41 14.69
C PRO B 471 -32.55 8.17 14.00
N LYS B 472 -32.83 9.39 14.45
CA LYS B 472 -33.96 10.15 13.91
C LYS B 472 -33.74 10.50 12.45
N PHE B 473 -32.47 10.63 12.05
CA PHE B 473 -32.13 10.97 10.67
C PHE B 473 -32.30 9.74 9.80
N ASN B 474 -33.37 9.72 9.01
CA ASN B 474 -33.65 8.63 8.10
C ASN B 474 -33.07 8.96 6.73
N LEU B 475 -32.12 8.13 6.29
CA LEU B 475 -31.48 8.36 4.99
C LEU B 475 -32.43 8.12 3.82
N PHE B 476 -33.30 7.12 3.89
CA PHE B 476 -34.26 6.85 2.84
C PHE B 476 -35.58 7.59 3.05
N SER B 477 -35.50 8.83 3.54
CA SER B 477 -36.69 9.63 3.72
C SER B 477 -37.25 10.07 2.37
N GLN B 478 -38.53 10.34 2.27
CA GLN B 478 -39.08 10.74 1.00
C GLN B 478 -38.63 12.12 0.62
N GLU B 479 -38.03 12.83 1.55
CA GLU B 479 -37.61 14.15 1.29
C GLU B 479 -36.39 14.06 0.49
N LEU B 480 -35.59 13.09 0.82
CA LEU B 480 -34.31 12.86 0.16
C LEU B 480 -34.42 11.98 -1.08
N ILE B 481 -35.16 10.87 -0.99
CA ILE B 481 -35.30 9.95 -2.11
C ILE B 481 -36.78 9.66 -2.36
N ASP B 482 -37.26 9.98 -3.55
CA ASP B 482 -38.65 9.73 -3.88
C ASP B 482 -38.91 8.24 -3.96
N ARG B 483 -40.12 7.81 -3.69
CA ARG B 483 -40.47 6.42 -3.73
C ARG B 483 -40.13 5.77 -5.05
N LYS B 484 -40.27 6.48 -6.14
CA LYS B 484 -40.02 5.87 -7.45
C LYS B 484 -38.60 5.32 -7.57
N SER B 485 -37.61 5.96 -6.95
CA SER B 485 -36.25 5.44 -7.00
C SER B 485 -36.08 4.20 -6.14
N LYS B 486 -36.86 4.10 -5.09
CA LYS B 486 -36.77 2.97 -4.24
C LYS B 486 -37.37 1.82 -4.92
N GLU B 487 -38.49 2.02 -5.57
CA GLU B 487 -39.16 0.96 -6.32
C GLU B 487 -38.44 0.61 -7.61
N PHE B 488 -37.66 1.55 -8.15
CA PHE B 488 -36.86 1.24 -9.33
C PHE B 488 -35.64 0.41 -8.96
N LEU B 489 -34.92 0.80 -7.90
CA LEU B 489 -33.76 0.05 -7.46
C LEU B 489 -34.12 -1.33 -6.92
N SER B 490 -35.31 -1.47 -6.33
CA SER B 490 -35.74 -2.78 -5.85
C SER B 490 -35.90 -3.75 -7.00
N LYS B 491 -36.33 -3.26 -8.17
CA LYS B 491 -36.57 -4.10 -9.32
C LYS B 491 -35.27 -4.67 -9.89
N LYS B 492 -34.21 -3.87 -9.89
CA LYS B 492 -32.94 -4.33 -10.44
C LYS B 492 -32.23 -5.25 -9.47
N ILE B 493 -32.19 -4.88 -8.19
CA ILE B 493 -31.55 -5.74 -7.19
C ILE B 493 -32.25 -7.08 -7.11
N GLU B 494 -33.59 -7.07 -7.21
CA GLU B 494 -34.33 -8.33 -7.26
C GLU B 494 -34.03 -9.11 -8.54
N TYR B 495 -33.91 -8.40 -9.67
CA TYR B 495 -33.60 -9.07 -10.91
C TYR B 495 -32.24 -9.74 -10.87
N GLU B 496 -31.22 -9.03 -10.40
CA GLU B 496 -29.89 -9.62 -10.23
C GLU B 496 -29.88 -10.73 -9.19
N ARG B 497 -30.76 -10.68 -8.20
CA ARG B 497 -30.81 -11.69 -7.15
C ARG B 497 -31.50 -12.97 -7.60
N ASN B 498 -32.46 -12.88 -8.52
CA ASN B 498 -33.23 -14.02 -8.96
C ASN B 498 -32.62 -14.71 -10.17
N ASN B 499 -31.51 -14.20 -10.69
CA ASN B 499 -30.94 -14.73 -11.92
C ASN B 499 -29.46 -15.04 -11.83
N GLY B 500 -28.95 -15.40 -10.64
CA GLY B 500 -27.56 -15.75 -10.51
C GLY B 500 -26.60 -14.60 -10.69
N PHE B 501 -27.07 -13.37 -10.54
CA PHE B 501 -26.28 -12.15 -10.66
C PHE B 501 -25.60 -12.08 -12.03
N PRO B 502 -26.36 -11.81 -13.10
CA PRO B 502 -25.75 -11.68 -14.42
C PRO B 502 -24.85 -10.47 -14.56
N ILE B 503 -25.01 -9.45 -13.72
CA ILE B 503 -24.19 -8.24 -13.81
C ILE B 503 -22.74 -8.50 -13.41
N PHE B 504 -22.48 -9.56 -12.71
CA PHE B 504 -21.14 -9.85 -12.34
C PHE B 504 -20.53 -10.72 -13.40
N ASP B 505 -21.14 -10.80 -14.58
CA ASP B 505 -20.58 -11.70 -15.59
C ASP B 505 -19.41 -11.15 -16.28
N LYS B 506 -18.28 -11.40 -15.66
CA LYS B 506 -16.97 -11.05 -16.19
C LYS B 506 -16.17 -12.29 -16.55
N LEU B 507 -16.52 -12.92 -17.66
CA LEU B 507 -15.85 -14.13 -18.15
C LEU B 507 -15.70 -15.18 -17.05
#